data_2G7O
# 
_entry.id   2G7O 
# 
_audit_conform.dict_name       mmcif_pdbx.dic 
_audit_conform.dict_version    5.387 
_audit_conform.dict_location   http://mmcif.pdb.org/dictionaries/ascii/mmcif_pdbx.dic 
# 
loop_
_database_2.database_id 
_database_2.database_code 
_database_2.pdbx_database_accession 
_database_2.pdbx_DOI 
PDB   2G7O         pdb_00002g7o 10.2210/pdb2g7o/pdb 
RCSB  RCSB036791   ?            ?                   
WWPDB D_1000036791 ?            ?                   
# 
loop_
_pdbx_audit_revision_history.ordinal 
_pdbx_audit_revision_history.data_content_type 
_pdbx_audit_revision_history.major_revision 
_pdbx_audit_revision_history.minor_revision 
_pdbx_audit_revision_history.revision_date 
1 'Structure model' 1 0 2006-06-13 
2 'Structure model' 1 1 2008-05-01 
3 'Structure model' 1 2 2011-07-13 
4 'Structure model' 1 3 2017-10-18 
5 'Structure model' 1 4 2024-02-14 
# 
_pdbx_audit_revision_details.ordinal             1 
_pdbx_audit_revision_details.revision_ordinal    1 
_pdbx_audit_revision_details.data_content_type   'Structure model' 
_pdbx_audit_revision_details.provider            repository 
_pdbx_audit_revision_details.type                'Initial release' 
_pdbx_audit_revision_details.description         ? 
_pdbx_audit_revision_details.details             ? 
# 
loop_
_pdbx_audit_revision_group.ordinal 
_pdbx_audit_revision_group.revision_ordinal 
_pdbx_audit_revision_group.data_content_type 
_pdbx_audit_revision_group.group 
1 2 'Structure model' 'Version format compliance' 
2 3 'Structure model' 'Derived calculations'      
3 3 'Structure model' 'Version format compliance' 
4 4 'Structure model' 'Refinement description'    
5 5 'Structure model' 'Data collection'           
6 5 'Structure model' 'Database references'       
# 
loop_
_pdbx_audit_revision_category.ordinal 
_pdbx_audit_revision_category.revision_ordinal 
_pdbx_audit_revision_category.data_content_type 
_pdbx_audit_revision_category.category 
1 4 'Structure model' software       
2 5 'Structure model' chem_comp_atom 
3 5 'Structure model' chem_comp_bond 
4 5 'Structure model' database_2     
# 
loop_
_pdbx_audit_revision_item.ordinal 
_pdbx_audit_revision_item.revision_ordinal 
_pdbx_audit_revision_item.data_content_type 
_pdbx_audit_revision_item.item 
1 5 'Structure model' '_database_2.pdbx_DOI'                
2 5 'Structure model' '_database_2.pdbx_database_accession' 
# 
_pdbx_database_status.entry_id                        2G7O 
_pdbx_database_status.deposit_site                    RCSB 
_pdbx_database_status.process_site                    RCSB 
_pdbx_database_status.recvd_initial_deposition_date   2006-02-28 
_pdbx_database_status.status_code                     REL 
_pdbx_database_status.status_code_sf                  REL 
_pdbx_database_status.status_code_mr                  ? 
_pdbx_database_status.SG_entry                        ? 
_pdbx_database_status.pdb_format_compatible           Y 
_pdbx_database_status.status_code_cs                  ? 
_pdbx_database_status.methods_development_category    ? 
_pdbx_database_status.status_code_nmr_data            ? 
# 
loop_
_audit_author.name 
_audit_author.pdbx_ordinal 
'Lu, J.'        1 
'Edwards, R.A.' 2 
'Wong, J.J.'    3 
'Manchak, J.'   4 
'Scott, P.G.'   5 
'Frost, L.S.'   6 
'Glover, J.N.'  7 
# 
_citation.id                        primary 
_citation.title                     'Protonation-mediated structural flexibility in the F conjugation regulatory protein, TraM.' 
_citation.journal_abbrev            'Embo J.' 
_citation.journal_volume            25 
_citation.page_first                2930 
_citation.page_last                 2939 
_citation.year                      2006 
_citation.journal_id_ASTM           EMJODG 
_citation.country                   UK 
_citation.journal_id_ISSN           0261-4189 
_citation.journal_id_CSD            0897 
_citation.book_publisher            ? 
_citation.pdbx_database_id_PubMed   16710295 
_citation.pdbx_database_id_DOI      10.1038/sj.emboj.7601151 
# 
loop_
_citation_author.citation_id 
_citation_author.name 
_citation_author.ordinal 
_citation_author.identifier_ORCID 
primary 'Lu, J.'        1 ? 
primary 'Edwards, R.A.' 2 ? 
primary 'Wong, J.J.'    3 ? 
primary 'Manchak, J.'   4 ? 
primary 'Scott, P.G.'   5 ? 
primary 'Frost, L.S.'   6 ? 
primary 'Glover, J.N.'  7 ? 
# 
loop_
_entity.id 
_entity.type 
_entity.src_method 
_entity.pdbx_description 
_entity.formula_weight 
_entity.pdbx_number_of_molecules 
_entity.pdbx_ec 
_entity.pdbx_mutation 
_entity.pdbx_fragment 
_entity.details 
1 polymer man 'Protein traM' 7980.898 1  ? ? 'TraM 58-127' ? 
2 water   nat water          18.015   55 ? ? ?             ? 
# 
_entity_poly.entity_id                      1 
_entity_poly.type                           'polypeptide(L)' 
_entity_poly.nstd_linkage                   no 
_entity_poly.nstd_monomer                   no 
_entity_poly.pdbx_seq_one_letter_code       ESAFNQTEFNKLLLECVVKTQSSVAKILGIESLSPHVSGNSKFEYANMVEDIREKVSSEMERFFPKNDDE 
_entity_poly.pdbx_seq_one_letter_code_can   ESAFNQTEFNKLLLECVVKTQSSVAKILGIESLSPHVSGNSKFEYANMVEDIREKVSSEMERFFPKNDDE 
_entity_poly.pdbx_strand_id                 A 
_entity_poly.pdbx_target_identifier         ? 
# 
_pdbx_entity_nonpoly.entity_id   2 
_pdbx_entity_nonpoly.name        water 
_pdbx_entity_nonpoly.comp_id     HOH 
# 
loop_
_entity_poly_seq.entity_id 
_entity_poly_seq.num 
_entity_poly_seq.mon_id 
_entity_poly_seq.hetero 
1 1  GLU n 
1 2  SER n 
1 3  ALA n 
1 4  PHE n 
1 5  ASN n 
1 6  GLN n 
1 7  THR n 
1 8  GLU n 
1 9  PHE n 
1 10 ASN n 
1 11 LYS n 
1 12 LEU n 
1 13 LEU n 
1 14 LEU n 
1 15 GLU n 
1 16 CYS n 
1 17 VAL n 
1 18 VAL n 
1 19 LYS n 
1 20 THR n 
1 21 GLN n 
1 22 SER n 
1 23 SER n 
1 24 VAL n 
1 25 ALA n 
1 26 LYS n 
1 27 ILE n 
1 28 LEU n 
1 29 GLY n 
1 30 ILE n 
1 31 GLU n 
1 32 SER n 
1 33 LEU n 
1 34 SER n 
1 35 PRO n 
1 36 HIS n 
1 37 VAL n 
1 38 SER n 
1 39 GLY n 
1 40 ASN n 
1 41 SER n 
1 42 LYS n 
1 43 PHE n 
1 44 GLU n 
1 45 TYR n 
1 46 ALA n 
1 47 ASN n 
1 48 MET n 
1 49 VAL n 
1 50 GLU n 
1 51 ASP n 
1 52 ILE n 
1 53 ARG n 
1 54 GLU n 
1 55 LYS n 
1 56 VAL n 
1 57 SER n 
1 58 SER n 
1 59 GLU n 
1 60 MET n 
1 61 GLU n 
1 62 ARG n 
1 63 PHE n 
1 64 PHE n 
1 65 PRO n 
1 66 LYS n 
1 67 ASN n 
1 68 ASP n 
1 69 ASP n 
1 70 GLU n 
# 
_entity_src_gen.entity_id                          1 
_entity_src_gen.pdbx_src_id                        1 
_entity_src_gen.pdbx_alt_source_flag               sample 
_entity_src_gen.pdbx_seq_type                      ? 
_entity_src_gen.pdbx_beg_seq_num                   ? 
_entity_src_gen.pdbx_end_seq_num                   ? 
_entity_src_gen.gene_src_common_name               ? 
_entity_src_gen.gene_src_genus                     Escherichia 
_entity_src_gen.pdbx_gene_src_gene                 traM 
_entity_src_gen.gene_src_species                   ? 
_entity_src_gen.gene_src_strain                    ? 
_entity_src_gen.gene_src_tissue                    ? 
_entity_src_gen.gene_src_tissue_fraction           ? 
_entity_src_gen.gene_src_details                   ? 
_entity_src_gen.pdbx_gene_src_fragment             ? 
_entity_src_gen.pdbx_gene_src_scientific_name      'Escherichia coli' 
_entity_src_gen.pdbx_gene_src_ncbi_taxonomy_id     562 
_entity_src_gen.pdbx_gene_src_variant              ? 
_entity_src_gen.pdbx_gene_src_cell_line            ? 
_entity_src_gen.pdbx_gene_src_atcc                 ? 
_entity_src_gen.pdbx_gene_src_organ                ? 
_entity_src_gen.pdbx_gene_src_organelle            ? 
_entity_src_gen.pdbx_gene_src_cell                 ? 
_entity_src_gen.pdbx_gene_src_cellular_location    ? 
_entity_src_gen.host_org_common_name               ? 
_entity_src_gen.pdbx_host_org_scientific_name      'Escherichia coli BL21(DE3)' 
_entity_src_gen.pdbx_host_org_ncbi_taxonomy_id     469008 
_entity_src_gen.host_org_genus                     Escherichia 
_entity_src_gen.pdbx_host_org_gene                 ? 
_entity_src_gen.pdbx_host_org_organ                ? 
_entity_src_gen.host_org_species                   'Escherichia coli' 
_entity_src_gen.pdbx_host_org_tissue               ? 
_entity_src_gen.pdbx_host_org_tissue_fraction      ? 
_entity_src_gen.pdbx_host_org_strain               BL21-DE3 
_entity_src_gen.pdbx_host_org_variant              ? 
_entity_src_gen.pdbx_host_org_cell_line            ? 
_entity_src_gen.pdbx_host_org_atcc                 ? 
_entity_src_gen.pdbx_host_org_culture_collection   ? 
_entity_src_gen.pdbx_host_org_cell                 ? 
_entity_src_gen.pdbx_host_org_organelle            ? 
_entity_src_gen.pdbx_host_org_cellular_location    ? 
_entity_src_gen.pdbx_host_org_vector_type          Plasmid 
_entity_src_gen.pdbx_host_org_vector               ? 
_entity_src_gen.host_org_details                   ? 
_entity_src_gen.expression_system_id               ? 
_entity_src_gen.plasmid_name                       pT7-7 
_entity_src_gen.plasmid_details                    ? 
_entity_src_gen.pdbx_description                   ? 
# 
loop_
_chem_comp.id 
_chem_comp.type 
_chem_comp.mon_nstd_flag 
_chem_comp.name 
_chem_comp.pdbx_synonyms 
_chem_comp.formula 
_chem_comp.formula_weight 
ALA 'L-peptide linking' y ALANINE         ? 'C3 H7 N O2'     89.093  
ARG 'L-peptide linking' y ARGININE        ? 'C6 H15 N4 O2 1' 175.209 
ASN 'L-peptide linking' y ASPARAGINE      ? 'C4 H8 N2 O3'    132.118 
ASP 'L-peptide linking' y 'ASPARTIC ACID' ? 'C4 H7 N O4'     133.103 
CYS 'L-peptide linking' y CYSTEINE        ? 'C3 H7 N O2 S'   121.158 
GLN 'L-peptide linking' y GLUTAMINE       ? 'C5 H10 N2 O3'   146.144 
GLU 'L-peptide linking' y 'GLUTAMIC ACID' ? 'C5 H9 N O4'     147.129 
GLY 'peptide linking'   y GLYCINE         ? 'C2 H5 N O2'     75.067  
HIS 'L-peptide linking' y HISTIDINE       ? 'C6 H10 N3 O2 1' 156.162 
HOH non-polymer         . WATER           ? 'H2 O'           18.015  
ILE 'L-peptide linking' y ISOLEUCINE      ? 'C6 H13 N O2'    131.173 
LEU 'L-peptide linking' y LEUCINE         ? 'C6 H13 N O2'    131.173 
LYS 'L-peptide linking' y LYSINE          ? 'C6 H15 N2 O2 1' 147.195 
MET 'L-peptide linking' y METHIONINE      ? 'C5 H11 N O2 S'  149.211 
PHE 'L-peptide linking' y PHENYLALANINE   ? 'C9 H11 N O2'    165.189 
PRO 'L-peptide linking' y PROLINE         ? 'C5 H9 N O2'     115.130 
SER 'L-peptide linking' y SERINE          ? 'C3 H7 N O3'     105.093 
THR 'L-peptide linking' y THREONINE       ? 'C4 H9 N O3'     119.119 
TYR 'L-peptide linking' y TYROSINE        ? 'C9 H11 N O3'    181.189 
VAL 'L-peptide linking' y VALINE          ? 'C5 H11 N O2'    117.146 
# 
loop_
_pdbx_poly_seq_scheme.asym_id 
_pdbx_poly_seq_scheme.entity_id 
_pdbx_poly_seq_scheme.seq_id 
_pdbx_poly_seq_scheme.mon_id 
_pdbx_poly_seq_scheme.ndb_seq_num 
_pdbx_poly_seq_scheme.pdb_seq_num 
_pdbx_poly_seq_scheme.auth_seq_num 
_pdbx_poly_seq_scheme.pdb_mon_id 
_pdbx_poly_seq_scheme.auth_mon_id 
_pdbx_poly_seq_scheme.pdb_strand_id 
_pdbx_poly_seq_scheme.pdb_ins_code 
_pdbx_poly_seq_scheme.hetero 
A 1 1  GLU 1  58  ?   ?   ?   A . n 
A 1 2  SER 2  59  ?   ?   ?   A . n 
A 1 3  ALA 3  60  60  ALA ALA A . n 
A 1 4  PHE 4  61  61  PHE PHE A . n 
A 1 5  ASN 5  62  62  ASN ASN A . n 
A 1 6  GLN 6  63  63  GLN GLN A . n 
A 1 7  THR 7  64  64  THR THR A . n 
A 1 8  GLU 8  65  65  GLU GLU A . n 
A 1 9  PHE 9  66  66  PHE PHE A . n 
A 1 10 ASN 10 67  67  ASN ASN A . n 
A 1 11 LYS 11 68  68  LYS LYS A . n 
A 1 12 LEU 12 69  69  LEU LEU A . n 
A 1 13 LEU 13 70  70  LEU LEU A . n 
A 1 14 LEU 14 71  71  LEU LEU A . n 
A 1 15 GLU 15 72  72  GLU GLU A . n 
A 1 16 CYS 16 73  73  CYS CYS A . n 
A 1 17 VAL 17 74  74  VAL VAL A . n 
A 1 18 VAL 18 75  75  VAL VAL A . n 
A 1 19 LYS 19 76  76  LYS LYS A . n 
A 1 20 THR 20 77  77  THR THR A . n 
A 1 21 GLN 21 78  78  GLN GLN A . n 
A 1 22 SER 22 79  79  SER SER A . n 
A 1 23 SER 23 80  80  SER SER A . n 
A 1 24 VAL 24 81  81  VAL VAL A . n 
A 1 25 ALA 25 82  82  ALA ALA A . n 
A 1 26 LYS 26 83  83  LYS LYS A . n 
A 1 27 ILE 27 84  84  ILE ILE A . n 
A 1 28 LEU 28 85  85  LEU LEU A . n 
A 1 29 GLY 29 86  86  GLY GLY A . n 
A 1 30 ILE 30 87  87  ILE ILE A . n 
A 1 31 GLU 31 88  88  GLU GLU A . n 
A 1 32 SER 32 89  89  SER SER A . n 
A 1 33 LEU 33 90  90  LEU LEU A . n 
A 1 34 SER 34 91  91  SER SER A . n 
A 1 35 PRO 35 92  92  PRO PRO A . n 
A 1 36 HIS 36 93  93  HIS HIS A . n 
A 1 37 VAL 37 94  94  VAL VAL A . n 
A 1 38 SER 38 95  95  SER SER A . n 
A 1 39 GLY 39 96  96  GLY GLY A . n 
A 1 40 ASN 40 97  97  ASN ASN A . n 
A 1 41 SER 41 98  98  SER SER A . n 
A 1 42 LYS 42 99  99  LYS LYS A . n 
A 1 43 PHE 43 100 100 PHE PHE A . n 
A 1 44 GLU 44 101 101 GLU GLU A . n 
A 1 45 TYR 45 102 102 TYR TYR A . n 
A 1 46 ALA 46 103 103 ALA ALA A . n 
A 1 47 ASN 47 104 104 ASN ASN A . n 
A 1 48 MET 48 105 105 MET MET A . n 
A 1 49 VAL 49 106 106 VAL VAL A . n 
A 1 50 GLU 50 107 107 GLU GLU A . n 
A 1 51 ASP 51 108 108 ASP ASP A . n 
A 1 52 ILE 52 109 109 ILE ILE A . n 
A 1 53 ARG 53 110 110 ARG ARG A . n 
A 1 54 GLU 54 111 111 GLU GLU A . n 
A 1 55 LYS 55 112 112 LYS LYS A . n 
A 1 56 VAL 56 113 113 VAL VAL A . n 
A 1 57 SER 57 114 114 SER SER A . n 
A 1 58 SER 58 115 115 SER SER A . n 
A 1 59 GLU 59 116 116 GLU GLU A . n 
A 1 60 MET 60 117 117 MET MET A . n 
A 1 61 GLU 61 118 118 GLU GLU A . n 
A 1 62 ARG 62 119 119 ARG ARG A . n 
A 1 63 PHE 63 120 120 PHE PHE A . n 
A 1 64 PHE 64 121 121 PHE PHE A . n 
A 1 65 PRO 65 122 122 PRO PRO A . n 
A 1 66 LYS 66 123 123 LYS LYS A . n 
A 1 67 ASN 67 124 124 ASN ASN A . n 
A 1 68 ASP 68 125 125 ASP ASP A . n 
A 1 69 ASP 69 126 126 ASP ASP A . n 
A 1 70 GLU 70 127 127 GLU GLU A . n 
# 
loop_
_pdbx_nonpoly_scheme.asym_id 
_pdbx_nonpoly_scheme.entity_id 
_pdbx_nonpoly_scheme.mon_id 
_pdbx_nonpoly_scheme.ndb_seq_num 
_pdbx_nonpoly_scheme.pdb_seq_num 
_pdbx_nonpoly_scheme.auth_seq_num 
_pdbx_nonpoly_scheme.pdb_mon_id 
_pdbx_nonpoly_scheme.auth_mon_id 
_pdbx_nonpoly_scheme.pdb_strand_id 
_pdbx_nonpoly_scheme.pdb_ins_code 
B 2 HOH 1  1  1  HOH HOH A . 
B 2 HOH 2  2  2  HOH HOH A . 
B 2 HOH 3  3  3  HOH HOH A . 
B 2 HOH 4  4  4  HOH HOH A . 
B 2 HOH 5  5  5  HOH HOH A . 
B 2 HOH 6  6  6  HOH HOH A . 
B 2 HOH 7  7  7  HOH HOH A . 
B 2 HOH 8  8  8  HOH HOH A . 
B 2 HOH 9  9  9  HOH HOH A . 
B 2 HOH 10 10 10 HOH HOH A . 
B 2 HOH 11 11 11 HOH HOH A . 
B 2 HOH 12 12 12 HOH HOH A . 
B 2 HOH 13 13 13 HOH HOH A . 
B 2 HOH 14 14 14 HOH HOH A . 
B 2 HOH 15 15 15 HOH HOH A . 
B 2 HOH 16 16 16 HOH HOH A . 
B 2 HOH 17 17 17 HOH HOH A . 
B 2 HOH 18 18 18 HOH HOH A . 
B 2 HOH 19 19 19 HOH HOH A . 
B 2 HOH 20 20 20 HOH HOH A . 
B 2 HOH 21 21 21 HOH HOH A . 
B 2 HOH 22 22 22 HOH HOH A . 
B 2 HOH 23 23 23 HOH HOH A . 
B 2 HOH 24 24 24 HOH HOH A . 
B 2 HOH 25 25 25 HOH HOH A . 
B 2 HOH 26 26 26 HOH HOH A . 
B 2 HOH 27 27 27 HOH HOH A . 
B 2 HOH 28 28 28 HOH HOH A . 
B 2 HOH 29 29 29 HOH HOH A . 
B 2 HOH 30 30 30 HOH HOH A . 
B 2 HOH 31 31 31 HOH HOH A . 
B 2 HOH 32 32 32 HOH HOH A . 
B 2 HOH 33 33 33 HOH HOH A . 
B 2 HOH 34 34 34 HOH HOH A . 
B 2 HOH 35 35 35 HOH HOH A . 
B 2 HOH 36 36 36 HOH HOH A . 
B 2 HOH 37 37 37 HOH HOH A . 
B 2 HOH 38 38 38 HOH HOH A . 
B 2 HOH 39 39 39 HOH HOH A . 
B 2 HOH 40 40 40 HOH HOH A . 
B 2 HOH 41 41 41 HOH HOH A . 
B 2 HOH 42 42 42 HOH HOH A . 
B 2 HOH 43 43 43 HOH HOH A . 
B 2 HOH 44 44 44 HOH HOH A . 
B 2 HOH 45 45 45 HOH HOH A . 
B 2 HOH 46 46 46 HOH HOH A . 
B 2 HOH 47 47 47 HOH HOH A . 
B 2 HOH 48 48 48 HOH HOH A . 
B 2 HOH 49 49 49 HOH HOH A . 
B 2 HOH 50 50 50 HOH HOH A . 
B 2 HOH 51 51 51 HOH HOH A . 
B 2 HOH 52 52 52 HOH HOH A . 
B 2 HOH 53 53 53 HOH HOH A . 
B 2 HOH 54 54 54 HOH HOH A . 
B 2 HOH 55 55 55 HOH HOH A . 
# 
loop_
_software.name 
_software.version 
_software.date 
_software.type 
_software.contact_author 
_software.contact_author_email 
_software.classification 
_software.location 
_software.language 
_software.citation_id 
_software.pdbx_ordinal 
DENZO       .     ?              package 'Zbyszek Otwinowski' zbyszek@mix.swmed.edu    'data reduction'  
http://www.lnls.br/infra/linhasluz/denzo-hkl.htm ?       ? 1 
SCALEPACK   .     ?              package 'Zbyszek Otwinowski' zbyszek@mix.swmed.edu    'data scaling'    
http://www.lnls.br/infra/linhasluz/denzo-hkl.htm ?       ? 2 
SOLVE       2.08  14-Sept-2004   program 'Tom Terwilliger'    terwilliger@LANL.gov     phasing           
http://www.solve.lanl.gov/                       ?       ? 3 
RESOLVE     2.08  14-Sept-2004   program 'Terwilliger, T. C'  terwilliger@LANL.gov     phasing           
http://www.solve.lanl.gov/                       ?       ? 4 
REFMAC      .     ?              program 'Murshudov, G.N.'    ccp4@dl.ac.uk            refinement        
http://www.ccp4.ac.uk/main.html                  Fortran ? 5 
PDB_EXTRACT 1.701 'Nov. 1, 2005' package PDB                  sw-help@rcsb.rutgers.edu 'data extraction' 
http://pdb.rutgers.edu/software/                 C++     ? 6 
# 
_cell.length_a           51.733 
_cell.length_b           51.733 
_cell.length_c           49.585 
_cell.angle_alpha        90.00 
_cell.angle_beta         90.00 
_cell.angle_gamma        90.00 
_cell.entry_id           2G7O 
_cell.pdbx_unique_axis   ? 
_cell.Z_PDB              8 
_cell.length_a_esd       ? 
_cell.length_b_esd       ? 
_cell.length_c_esd       ? 
_cell.angle_alpha_esd    ? 
_cell.angle_beta_esd     ? 
_cell.angle_gamma_esd    ? 
# 
_symmetry.space_group_name_H-M             'I 4' 
_symmetry.entry_id                         2G7O 
_symmetry.pdbx_full_space_group_name_H-M   ? 
_symmetry.Int_Tables_number                79 
_symmetry.cell_setting                     ? 
_symmetry.space_group_name_Hall            ? 
# 
_exptl.entry_id          2G7O 
_exptl.crystals_number   2 
_exptl.method            'X-RAY DIFFRACTION' 
# 
_exptl_crystal.id                    1 
_exptl_crystal.density_Matthews      2.08 
_exptl_crystal.density_meas          ? 
_exptl_crystal.density_percent_sol   40.81 
_exptl_crystal.description           ? 
_exptl_crystal.F_000                 ? 
_exptl_crystal.preparation           ? 
# 
_exptl_crystal_grow.crystal_id      1 
_exptl_crystal_grow.method          'VAPOR DIFFUSION, HANGING DROP' 
_exptl_crystal_grow.pH              6.5 
_exptl_crystal_grow.temp            297 
_exptl_crystal_grow.temp_details    ? 
_exptl_crystal_grow.pdbx_details    
'30% PEG 400, 0.1M MES pH 6.5, 2mM DTT, 0.5M ammonium acetate, VAPOR DIFFUSION, HANGING DROP, temperature 297K' 
_exptl_crystal_grow.pdbx_pH_range   . 
# 
loop_
_diffrn.id 
_diffrn.ambient_temp 
_diffrn.ambient_temp_details 
_diffrn.crystal_id 
1   105 ? 1 
2   105 ? 1 
1,2 ?   ? 1 
# 
loop_
_diffrn_detector.diffrn_id 
_diffrn_detector.detector 
_diffrn_detector.type 
_diffrn_detector.pdbx_collection_date 
_diffrn_detector.details 
1 CCD 'ADSC QUANTUM 210' 2005-06-14 ? 
2 CCD 'ADSC QUANTUM 210' 2005-07-20 ? 
# 
loop_
_diffrn_radiation.diffrn_id 
_diffrn_radiation.wavelength_id 
_diffrn_radiation.pdbx_diffrn_protocol 
_diffrn_radiation.monochromator 
_diffrn_radiation.pdbx_monochromatic_or_laue_m_l 
_diffrn_radiation.pdbx_scattering_type 
1 1 'SINGLE WAVELENGTH' 'Double Crystal Si(111)' M x-ray 
2 1 MAD                 'Double Crystal Si(111)' M x-ray 
# 
loop_
_diffrn_radiation_wavelength.id 
_diffrn_radiation_wavelength.wavelength 
_diffrn_radiation_wavelength.wt 
1 1.11697  1.0 
2 0.979617 1.0 
3 1.019440 1.0 
# 
loop_
_diffrn_source.diffrn_id 
_diffrn_source.source 
_diffrn_source.type 
_diffrn_source.pdbx_wavelength 
_diffrn_source.pdbx_wavelength_list 
_diffrn_source.pdbx_synchrotron_site 
_diffrn_source.pdbx_synchrotron_beamline 
1 SYNCHROTRON 'ALS BEAMLINE 8.3.1' ? 1.11697              ALS 8.3.1 
2 SYNCHROTRON 'ALS BEAMLINE 8.3.1' ? '0.979617, 1.019440' ALS 8.3.1 
# 
_reflns.entry_id                     2G7O 
_reflns.d_resolution_high            1.400 
_reflns.d_resolution_low             36.58 
_reflns.number_obs                   12828 
_reflns.pdbx_Rmerge_I_obs            0.039 
_reflns.pdbx_netI_over_sigmaI        27.6 
_reflns.pdbx_chi_squared             1.032 
_reflns.pdbx_redundancy              3.600 
_reflns.percent_possible_obs         99.100 
_reflns.observed_criterion_sigma_F   0.0 
_reflns.observed_criterion_sigma_I   0.0 
_reflns.number_all                   12828 
_reflns.pdbx_Rsym_value              ? 
_reflns.B_iso_Wilson_estimate        ? 
_reflns.R_free_details               ? 
_reflns.limit_h_max                  ? 
_reflns.limit_h_min                  ? 
_reflns.limit_k_max                  ? 
_reflns.limit_k_min                  ? 
_reflns.limit_l_max                  ? 
_reflns.limit_l_min                  ? 
_reflns.observed_criterion_F_max     ? 
_reflns.observed_criterion_F_min     ? 
_reflns.pdbx_scaling_rejects         ? 
_reflns.pdbx_ordinal                 1 
_reflns.pdbx_diffrn_id               1,2 
# 
_reflns_shell.d_res_high             1.40 
_reflns_shell.d_res_low              1.42 
_reflns_shell.number_measured_obs    ? 
_reflns_shell.number_measured_all    ? 
_reflns_shell.number_unique_obs      548 
_reflns_shell.Rmerge_I_obs           0.371 
_reflns_shell.meanI_over_sigI_obs    3.12 
_reflns_shell.pdbx_Rsym_value        ? 
_reflns_shell.pdbx_chi_squared       0.973 
_reflns_shell.pdbx_redundancy        2.80 
_reflns_shell.percent_possible_obs   86.60 
_reflns_shell.number_unique_all      548 
_reflns_shell.percent_possible_all   86.6 
_reflns_shell.pdbx_ordinal           1 
_reflns_shell.pdbx_diffrn_id         1,2 
# 
_refine.ls_d_res_high                            1.400 
_refine.ls_d_res_low                             36.580 
_refine.pdbx_ls_sigma_F                          0.00 
_refine.ls_percent_reflns_obs                    99.430 
_refine.ls_number_reflns_obs                     12827 
_refine.pdbx_ls_cross_valid_method               THROUGHOUT 
_refine.pdbx_R_Free_selection_details            RANDOM 
_refine.details                                  'HYDROGENS HAVE BEEN ADDED IN THE RIDING POSITIONS' 
_refine.ls_R_factor_all                          0.195 
_refine.ls_R_factor_R_work                       0.193 
_refine.ls_R_factor_R_free                       0.224 
_refine.ls_percent_reflns_R_free                 4.900 
_refine.ls_number_reflns_R_free                  626 
_refine.B_iso_mean                               17.335 
_refine.aniso_B[1][1]                            -0.030 
_refine.aniso_B[2][2]                            -0.030 
_refine.aniso_B[3][3]                            0.060 
_refine.aniso_B[1][2]                            0.000 
_refine.aniso_B[1][3]                            0.000 
_refine.aniso_B[2][3]                            0.000 
_refine.correlation_coeff_Fo_to_Fc               0.956 
_refine.correlation_coeff_Fo_to_Fc_free          0.938 
_refine.pdbx_overall_ESU_R                       0.069 
_refine.pdbx_overall_ESU_R_Free                  0.071 
_refine.overall_SU_ML                            0.044 
_refine.overall_SU_B                             2.067 
_refine.solvent_model_details                    MASK 
_refine.pdbx_solvent_vdw_probe_radii             1.200 
_refine.pdbx_solvent_ion_probe_radii             0.800 
_refine.pdbx_solvent_shrinkage_radii             0.800 
_refine.pdbx_method_to_determine_struct          MAD 
_refine.pdbx_stereochemistry_target_values       'MAXIMUM LIKELIHOOD' 
_refine.entry_id                                 2G7O 
_refine.pdbx_ls_sigma_I                          ? 
_refine.ls_number_reflns_all                     12827 
_refine.ls_R_factor_obs                          0.195 
_refine.ls_redundancy_reflns_obs                 ? 
_refine.pdbx_data_cutoff_high_absF               ? 
_refine.pdbx_data_cutoff_low_absF                ? 
_refine.ls_number_parameters                     ? 
_refine.ls_number_restraints                     ? 
_refine.ls_R_factor_R_free_error                 ? 
_refine.ls_R_factor_R_free_error_details         ? 
_refine.pdbx_starting_model                      ? 
_refine.pdbx_stereochem_target_val_spec_case     ? 
_refine.solvent_model_param_bsol                 ? 
_refine.solvent_model_param_ksol                 ? 
_refine.occupancy_max                            ? 
_refine.occupancy_min                            ? 
_refine.pdbx_isotropic_thermal_model             ? 
_refine.B_iso_min                                ? 
_refine.B_iso_max                                ? 
_refine.overall_SU_R_Cruickshank_DPI             ? 
_refine.overall_SU_R_free                        ? 
_refine.pdbx_data_cutoff_high_rms_absF           ? 
_refine.ls_wR_factor_R_free                      ? 
_refine.ls_wR_factor_R_work                      ? 
_refine.overall_FOM_free_R_set                   ? 
_refine.overall_FOM_work_R_set                   ? 
_refine.pdbx_refine_id                           'X-RAY DIFFRACTION' 
_refine.pdbx_diffrn_id                           1 
_refine.pdbx_TLS_residual_ADP_flag               ? 
_refine.pdbx_overall_phase_error                 ? 
_refine.pdbx_overall_SU_R_free_Cruickshank_DPI   ? 
_refine.pdbx_overall_SU_R_Blow_DPI               ? 
_refine.pdbx_overall_SU_R_free_Blow_DPI          ? 
# 
_refine_hist.pdbx_refine_id                   'X-RAY DIFFRACTION' 
_refine_hist.cycle_id                         LAST 
_refine_hist.pdbx_number_atoms_protein        544 
_refine_hist.pdbx_number_atoms_nucleic_acid   0 
_refine_hist.pdbx_number_atoms_ligand         0 
_refine_hist.number_atoms_solvent             55 
_refine_hist.number_atoms_total               599 
_refine_hist.d_res_high                       1.400 
_refine_hist.d_res_low                        36.580 
# 
loop_
_refine_ls_restr.type 
_refine_ls_restr.number 
_refine_ls_restr.dev_ideal 
_refine_ls_restr.dev_ideal_target 
_refine_ls_restr.weight 
_refine_ls_restr.pdbx_refine_id 
_refine_ls_restr.pdbx_restraint_function 
r_bond_refined_d         559 0.010  0.022  ? 'X-RAY DIFFRACTION' ? 
r_angle_refined_deg      748 1.233  1.971  ? 'X-RAY DIFFRACTION' ? 
r_dihedral_angle_1_deg   67  3.684  5.000  ? 'X-RAY DIFFRACTION' ? 
r_dihedral_angle_2_deg   28  31.961 26.071 ? 'X-RAY DIFFRACTION' ? 
r_dihedral_angle_3_deg   113 10.366 15.000 ? 'X-RAY DIFFRACTION' ? 
r_dihedral_angle_4_deg   2   28.655 15.000 ? 'X-RAY DIFFRACTION' ? 
r_chiral_restr           82  0.081  0.200  ? 'X-RAY DIFFRACTION' ? 
r_gen_planes_refined     415 0.004  0.020  ? 'X-RAY DIFFRACTION' ? 
r_nbd_refined            228 0.218  0.200  ? 'X-RAY DIFFRACTION' ? 
r_nbtor_refined          400 0.307  0.200  ? 'X-RAY DIFFRACTION' ? 
r_xyhbond_nbd_refined    31  0.140  0.200  ? 'X-RAY DIFFRACTION' ? 
r_symmetry_vdw_refined   48  0.172  0.200  ? 'X-RAY DIFFRACTION' ? 
r_symmetry_hbond_refined 8   0.123  0.200  ? 'X-RAY DIFFRACTION' ? 
r_mcbond_it              350 0.744  1.500  ? 'X-RAY DIFFRACTION' ? 
r_mcangle_it             554 1.243  2.000  ? 'X-RAY DIFFRACTION' ? 
r_scbond_it              227 2.233  3.000  ? 'X-RAY DIFFRACTION' ? 
r_scangle_it             194 3.528  4.500  ? 'X-RAY DIFFRACTION' ? 
# 
_refine_ls_shell.d_res_high                       1.40 
_refine_ls_shell.d_res_low                        1.437 
_refine_ls_shell.pdbx_total_number_of_bins_used   20 
_refine_ls_shell.percent_reflns_obs               95.820 
_refine_ls_shell.number_reflns_R_work             854 
_refine_ls_shell.R_factor_all                     ? 
_refine_ls_shell.R_factor_R_work                  0.246 
_refine_ls_shell.R_factor_R_free                  0.272 
_refine_ls_shell.percent_reflns_R_free            ? 
_refine_ls_shell.number_reflns_R_free             39 
_refine_ls_shell.R_factor_R_free_error            ? 
_refine_ls_shell.number_reflns_all                ? 
_refine_ls_shell.number_reflns_obs                893 
_refine_ls_shell.redundancy_reflns_obs            ? 
_refine_ls_shell.pdbx_refine_id                   'X-RAY DIFFRACTION' 
# 
_struct.entry_id                  2G7O 
_struct.title                     'Protonation-mediated structural flexibility in the F conjugation regulatory protein, TraM' 
_struct.pdbx_model_details        ? 
_struct.pdbx_CASP_flag            ? 
_struct.pdbx_model_type_details   ? 
# 
_struct_keywords.entry_id        2G7O 
_struct_keywords.pdbx_keywords   'DNA BINDING PROTEIN' 
_struct_keywords.text            'four helix bundle, tetramer, DNA BINDING PROTEIN' 
# 
loop_
_struct_asym.id 
_struct_asym.pdbx_blank_PDB_chainid_flag 
_struct_asym.pdbx_modified 
_struct_asym.entity_id 
_struct_asym.details 
A N N 1 ? 
B N N 2 ? 
# 
_struct_ref.id                         1 
_struct_ref.db_name                    UNP 
_struct_ref.db_code                    TRAM1_ECOLI 
_struct_ref.pdbx_db_accession          P10026 
_struct_ref.entity_id                  1 
_struct_ref.pdbx_seq_one_letter_code   ESAFNQTEFNKLLLECVVKTQSSVAKILGIESLSPHVSGNSKFEYANMVEDIREKVSSEMERFFPKNDDE 
_struct_ref.pdbx_align_begin           58 
_struct_ref.pdbx_db_isoform            ? 
# 
_struct_ref_seq.align_id                      1 
_struct_ref_seq.ref_id                        1 
_struct_ref_seq.pdbx_PDB_id_code              2G7O 
_struct_ref_seq.pdbx_strand_id                A 
_struct_ref_seq.seq_align_beg                 1 
_struct_ref_seq.pdbx_seq_align_beg_ins_code   ? 
_struct_ref_seq.seq_align_end                 70 
_struct_ref_seq.pdbx_seq_align_end_ins_code   ? 
_struct_ref_seq.pdbx_db_accession             P10026 
_struct_ref_seq.db_align_beg                  58 
_struct_ref_seq.pdbx_db_align_beg_ins_code    ? 
_struct_ref_seq.db_align_end                  127 
_struct_ref_seq.pdbx_db_align_end_ins_code    ? 
_struct_ref_seq.pdbx_auth_seq_align_beg       58 
_struct_ref_seq.pdbx_auth_seq_align_end       127 
# 
_pdbx_struct_assembly.id                   1 
_pdbx_struct_assembly.details              author_and_software_defined_assembly 
_pdbx_struct_assembly.method_details       PISA,PQS 
_pdbx_struct_assembly.oligomeric_details   tetrameric 
_pdbx_struct_assembly.oligomeric_count     4 
# 
loop_
_pdbx_struct_assembly_prop.biol_id 
_pdbx_struct_assembly_prop.type 
_pdbx_struct_assembly_prop.value 
_pdbx_struct_assembly_prop.details 
1 'ABSA (A^2)' 10810 ? 
1 MORE         -131  ? 
1 'SSA (A^2)'  14590 ? 
# 
_pdbx_struct_assembly_gen.assembly_id       1 
_pdbx_struct_assembly_gen.oper_expression   1,2,3,4 
_pdbx_struct_assembly_gen.asym_id_list      A,B 
# 
loop_
_pdbx_struct_oper_list.id 
_pdbx_struct_oper_list.type 
_pdbx_struct_oper_list.name 
_pdbx_struct_oper_list.symmetry_operation 
_pdbx_struct_oper_list.matrix[1][1] 
_pdbx_struct_oper_list.matrix[1][2] 
_pdbx_struct_oper_list.matrix[1][3] 
_pdbx_struct_oper_list.vector[1] 
_pdbx_struct_oper_list.matrix[2][1] 
_pdbx_struct_oper_list.matrix[2][2] 
_pdbx_struct_oper_list.matrix[2][3] 
_pdbx_struct_oper_list.vector[2] 
_pdbx_struct_oper_list.matrix[3][1] 
_pdbx_struct_oper_list.matrix[3][2] 
_pdbx_struct_oper_list.matrix[3][3] 
_pdbx_struct_oper_list.vector[3] 
1 'identity operation'         1_555 x,y,z   1.0000000000 0.0000000000  0.0000000000  0.0000000000  0.0000000000  1.0000000000  0.0000000000  0.0000000000  0.0000000000  0.0000000000  1.0000000000  0.0000000000  
2 'crystal symmetry operation' 2_555 -x,-y,z 0.4696609736 -0.8284869514 -0.3050048218 2.3553936795  -0.8284869514 -0.5329598860 0.1719393245  -2.0550203531 -0.3050048218 0.1719393245  -0.9367010875 16.9314953259 
3 'crystal symmetry operation' 3_555 -y,x,z  0.7348304868 -0.2363405352 -0.6357415411 5.4514744589  -0.5921464162 0.2335200570  -0.7712528799 6.4390352871  0.3307367193  0.9431922044  0.0316494562  8.7774433521  
4 'crystal symmetry operation' 4_555 y,-x,z  0.7348304868 -0.5921464162 0.3307367193  -3.0960807794 -0.2363405352 0.2335200570  0.9431922044  -8.4940556403 -0.6357415411 -0.7712528799 0.0316494562  8.1540519738 
# 
_struct_biol.id                    1 
_struct_biol.details               
'The biological assembly is a tetramer generated by the crystallographic four-fold symmetry axis: x+y+z, -x-y+z, -y+x+z, y-x+z' 
_struct_biol.pdbx_parent_biol_id   ? 
# 
loop_
_struct_conf.conf_type_id 
_struct_conf.id 
_struct_conf.pdbx_PDB_helix_id 
_struct_conf.beg_label_comp_id 
_struct_conf.beg_label_asym_id 
_struct_conf.beg_label_seq_id 
_struct_conf.pdbx_beg_PDB_ins_code 
_struct_conf.end_label_comp_id 
_struct_conf.end_label_asym_id 
_struct_conf.end_label_seq_id 
_struct_conf.pdbx_end_PDB_ins_code 
_struct_conf.beg_auth_comp_id 
_struct_conf.beg_auth_asym_id 
_struct_conf.beg_auth_seq_id 
_struct_conf.end_auth_comp_id 
_struct_conf.end_auth_asym_id 
_struct_conf.end_auth_seq_id 
_struct_conf.pdbx_PDB_helix_class 
_struct_conf.details 
_struct_conf.pdbx_PDB_helix_length 
HELX_P HELX_P1 1 ASN A 5  ? LEU A 33 ? ASN A 62  LEU A 90  1 ? 29 
HELX_P HELX_P2 2 SER A 34 ? SER A 38 ? SER A 91  SER A 95  5 ? 5  
HELX_P HELX_P3 3 ASN A 40 ? PHE A 43 ? ASN A 97  PHE A 100 5 ? 4  
HELX_P HELX_P4 4 GLU A 44 ? PHE A 64 ? GLU A 101 PHE A 121 1 ? 21 
# 
_struct_conf_type.id          HELX_P 
_struct_conf_type.criteria    ? 
_struct_conf_type.reference   ? 
# 
_pdbx_validate_torsion.id              1 
_pdbx_validate_torsion.PDB_model_num   1 
_pdbx_validate_torsion.auth_comp_id    ASP 
_pdbx_validate_torsion.auth_asym_id    A 
_pdbx_validate_torsion.auth_seq_id     126 
_pdbx_validate_torsion.PDB_ins_code    ? 
_pdbx_validate_torsion.label_alt_id    ? 
_pdbx_validate_torsion.phi             -147.09 
_pdbx_validate_torsion.psi             54.43 
# 
_pdbx_struct_special_symmetry.id              1 
_pdbx_struct_special_symmetry.PDB_model_num   1 
_pdbx_struct_special_symmetry.auth_asym_id    A 
_pdbx_struct_special_symmetry.auth_comp_id    HOH 
_pdbx_struct_special_symmetry.auth_seq_id     37 
_pdbx_struct_special_symmetry.PDB_ins_code    ? 
_pdbx_struct_special_symmetry.label_asym_id   B 
_pdbx_struct_special_symmetry.label_comp_id   HOH 
_pdbx_struct_special_symmetry.label_seq_id    . 
# 
loop_
_diffrn_reflns.diffrn_id 
_diffrn_reflns.pdbx_d_res_high 
_diffrn_reflns.pdbx_d_res_low 
_diffrn_reflns.pdbx_number_obs 
_diffrn_reflns.pdbx_Rmerge_I_obs 
_diffrn_reflns.pdbx_Rsym_value 
_diffrn_reflns.pdbx_chi_squared 
_diffrn_reflns.av_sigmaI_over_netI 
_diffrn_reflns.pdbx_redundancy 
_diffrn_reflns.pdbx_percent_possible_obs 
_diffrn_reflns.number 
_diffrn_reflns.pdbx_observed_criterion 
_diffrn_reflns.limit_h_max 
_diffrn_reflns.limit_h_min 
_diffrn_reflns.limit_k_max 
_diffrn_reflns.limit_k_min 
_diffrn_reflns.limit_l_max 
_diffrn_reflns.limit_l_min 
1 1.420 100.000 23900 0.049 ? 1.06 20.80 4.10 98.10 97674  ? ? ? ? ? ? ? 
2 1.340 100.000 28275 0.049 ? 1.03 19.70 4.10 97.80 115483 ? ? ? ? ? ? ? 
# 
loop_
_pdbx_diffrn_reflns_shell.diffrn_id 
_pdbx_diffrn_reflns_shell.d_res_high 
_pdbx_diffrn_reflns_shell.d_res_low 
_pdbx_diffrn_reflns_shell.number_obs 
_pdbx_diffrn_reflns_shell.rejects 
_pdbx_diffrn_reflns_shell.Rmerge_I_obs 
_pdbx_diffrn_reflns_shell.Rsym_value 
_pdbx_diffrn_reflns_shell.chi_squared 
_pdbx_diffrn_reflns_shell.redundancy 
_pdbx_diffrn_reflns_shell.percent_possible_obs 
1 3.85 100.00 1168 ? 0.037 ? 0.979 4.00 94.60 
1 3.06 3.85   1196 ? 0.039 ? 0.866 4.10 98.70 
1 2.67 3.06   1193 ? 0.042 ? 0.977 4.10 98.70 
1 2.43 2.67   1212 ? 0.046 ? 1.094 4.10 98.80 
1 2.25 2.43   1205 ? 0.048 ? 1.073 4.10 98.80 
1 2.12 2.25   1203 ? 0.052 ? 0.972 4.10 98.90 
1 2.01 2.12   1214 ? 0.059 ? 1.056 4.10 98.90 
1 1.93 2.01   1209 ? 0.066 ? 1.077 4.10 99.20 
1 1.85 1.93   1195 ? 0.080 ? 1.133 4.10 98.70 
1 1.79 1.85   1208 ? 0.091 ? 1.064 4.10 98.50 
1 1.73 1.79   1200 ? 0.103 ? 1.290 4.10 98.00 
1 1.68 1.73   1218 ? 0.121 ? 1.197 4.10 98.30 
1 1.64 1.68   1159 ? 0.136 ? 1.200 4.10 98.00 
1 1.60 1.64   1226 ? 0.147 ? 1.120 4.10 98.50 
1 1.56 1.60   1151 ? 0.170 ? 1.084 4.10 98.10 
1 1.53 1.56   1181 ? 0.209 ? 1.077 4.00 96.80 
1 1.50 1.53   1219 ? 0.212 ? 1.061 4.20 98.50 
1 1.47 1.50   1173 ? 0.280 ? 1.017 3.90 96.90 
1 1.44 1.47   1233 ? 0.350 ? 0.924 4.10 97.60 
1 1.42 1.44   1137 ? 0.413 ? 0.889 3.90 96.60 
2 3.64 100.00 1398 ? 0.037 ? 0.922 4.00 96.30 
2 2.89 3.64   1460 ? 0.039 ? 0.931 4.20 99.40 
2 2.52 2.89   1426 ? 0.042 ? 0.943 4.10 99.40 
2 2.29 2.52   1453 ? 0.046 ? 1.051 4.10 99.20 
2 2.13 2.29   1393 ? 0.050 ? 1.086 4.10 98.90 
2 2.00 2.13   1431 ? 0.055 ? 1.013 4.10 99.20 
2 1.90 2.00   1441 ? 0.065 ? 1.071 4.20 98.40 
2 1.82 1.90   1423 ? 0.078 ? 1.083 4.10 98.00 
2 1.75 1.82   1430 ? 0.086 ? 1.136 4.00 98.20 
2 1.69 1.75   1442 ? 0.099 ? 1.064 4.10 98.20 
2 1.64 1.69   1375 ? 0.113 ? 1.250 4.10 97.70 
2 1.59 1.64   1427 ? 0.130 ? 1.198 4.10 98.00 
2 1.55 1.59   1443 ? 0.153 ? 1.121 4.10 97.60 
2 1.51 1.55   1385 ? 0.177 ? 1.123 4.10 97.40 
2 1.47 1.51   1343 ? 0.210 ? 1.093 4.00 96.30 
2 1.44 1.47   1476 ? 0.269 ? 1.027 4.20 97.30 
2 1.41 1.44   1373 ? 0.334 ? 0.915 4.10 96.50 
2 1.39 1.41   1373 ? 0.433 ? 0.861 4.00 96.50 
2 1.36 1.39   1415 ? 0.460 ? 0.818 4.10 96.30 
2 1.34 1.36   1368 ? 0.544 ? 0.799 3.90 96.10 
# 
loop_
_pdbx_phasing_MAD_set_site.id 
_pdbx_phasing_MAD_set_site.atom_type_symbol 
_pdbx_phasing_MAD_set_site.occupancy 
_pdbx_phasing_MAD_set_site.fract_x 
_pdbx_phasing_MAD_set_site.fract_y 
_pdbx_phasing_MAD_set_site.fract_z 
_pdbx_phasing_MAD_set_site.b_iso 
1 Se 1.083 0.105 0.186 0.000 17.784 
2 Se 0.785 0.444 0.272 0.096 20.165 
3 Se 0.295 0.046 0.262 0.427 30.723 
# 
_pdbx_phasing_dm.entry_id          2G7O 
_pdbx_phasing_dm.fom_acentric      0.760 
_pdbx_phasing_dm.fom_centric       0.770 
_pdbx_phasing_dm.fom               0.760 
_pdbx_phasing_dm.reflns_acentric   9964 
_pdbx_phasing_dm.reflns_centric    446 
_pdbx_phasing_dm.reflns            10410 
# 
loop_
_pdbx_phasing_dm_shell.d_res_high 
_pdbx_phasing_dm_shell.d_res_low 
_pdbx_phasing_dm_shell.delta_phi_final 
_pdbx_phasing_dm_shell.delta_phi_initial 
_pdbx_phasing_dm_shell.fom_acentric 
_pdbx_phasing_dm_shell.fom_centric 
_pdbx_phasing_dm_shell.fom 
_pdbx_phasing_dm_shell.reflns_acentric 
_pdbx_phasing_dm_shell.reflns_centric 
_pdbx_phasing_dm_shell.reflns 
4.300 35.850 ? ? 0.960 0.920 0.950 404  50 454  
2.700 4.300  ? ? 0.960 0.950 0.960 1320 90 1410 
2.100 2.700  ? ? 0.910 0.890 0.910 1690 80 1770 
1.900 2.100  ? ? 0.840 0.720 0.840 1709 69 1778 
1.600 1.900  ? ? 0.690 0.650 0.690 2993 97 3090 
1.500 1.600  ? ? 0.500 0.470 0.500 1848 60 1908 
# 
_phasing.method   MAD 
# 
_phasing_MAD_clust.id           1 
_phasing_MAD_clust.expt_id      '2 wavelength' 
_phasing_MAD_clust.number_set   ? 
# 
_phasing_MAD_expt.id         '2 wavelength' 
_phasing_MAD_expt.mean_fom   ? 
# 
loop_
_phasing_MAD_set.clust_id 
_phasing_MAD_set.expt_id 
_phasing_MAD_set.set_id 
_phasing_MAD_set.wavelength 
_phasing_MAD_set.pdbx_f_prime_refined 
_phasing_MAD_set.pdbx_f_double_prime_refined 
1 '2 wavelength' 1 0.9796 -10.20 2.80 
1 '2 wavelength' 2 1.0194 -2.80  0.54 
# 
loop_
_phasing_set.id 
_phasing_set.pdbx_d_res_high 
_phasing_set.pdbx_d_res_low 
1 . . 
2 . . 
# 
loop_
_pdbx_unobs_or_zero_occ_residues.id 
_pdbx_unobs_or_zero_occ_residues.PDB_model_num 
_pdbx_unobs_or_zero_occ_residues.polymer_flag 
_pdbx_unobs_or_zero_occ_residues.occupancy_flag 
_pdbx_unobs_or_zero_occ_residues.auth_asym_id 
_pdbx_unobs_or_zero_occ_residues.auth_comp_id 
_pdbx_unobs_or_zero_occ_residues.auth_seq_id 
_pdbx_unobs_or_zero_occ_residues.PDB_ins_code 
_pdbx_unobs_or_zero_occ_residues.label_asym_id 
_pdbx_unobs_or_zero_occ_residues.label_comp_id 
_pdbx_unobs_or_zero_occ_residues.label_seq_id 
1 1 Y 1 A GLU 58 ? A GLU 1 
2 1 Y 1 A SER 59 ? A SER 2 
# 
loop_
_chem_comp_atom.comp_id 
_chem_comp_atom.atom_id 
_chem_comp_atom.type_symbol 
_chem_comp_atom.pdbx_aromatic_flag 
_chem_comp_atom.pdbx_stereo_config 
_chem_comp_atom.pdbx_ordinal 
ALA N    N N N 1   
ALA CA   C N S 2   
ALA C    C N N 3   
ALA O    O N N 4   
ALA CB   C N N 5   
ALA OXT  O N N 6   
ALA H    H N N 7   
ALA H2   H N N 8   
ALA HA   H N N 9   
ALA HB1  H N N 10  
ALA HB2  H N N 11  
ALA HB3  H N N 12  
ALA HXT  H N N 13  
ARG N    N N N 14  
ARG CA   C N S 15  
ARG C    C N N 16  
ARG O    O N N 17  
ARG CB   C N N 18  
ARG CG   C N N 19  
ARG CD   C N N 20  
ARG NE   N N N 21  
ARG CZ   C N N 22  
ARG NH1  N N N 23  
ARG NH2  N N N 24  
ARG OXT  O N N 25  
ARG H    H N N 26  
ARG H2   H N N 27  
ARG HA   H N N 28  
ARG HB2  H N N 29  
ARG HB3  H N N 30  
ARG HG2  H N N 31  
ARG HG3  H N N 32  
ARG HD2  H N N 33  
ARG HD3  H N N 34  
ARG HE   H N N 35  
ARG HH11 H N N 36  
ARG HH12 H N N 37  
ARG HH21 H N N 38  
ARG HH22 H N N 39  
ARG HXT  H N N 40  
ASN N    N N N 41  
ASN CA   C N S 42  
ASN C    C N N 43  
ASN O    O N N 44  
ASN CB   C N N 45  
ASN CG   C N N 46  
ASN OD1  O N N 47  
ASN ND2  N N N 48  
ASN OXT  O N N 49  
ASN H    H N N 50  
ASN H2   H N N 51  
ASN HA   H N N 52  
ASN HB2  H N N 53  
ASN HB3  H N N 54  
ASN HD21 H N N 55  
ASN HD22 H N N 56  
ASN HXT  H N N 57  
ASP N    N N N 58  
ASP CA   C N S 59  
ASP C    C N N 60  
ASP O    O N N 61  
ASP CB   C N N 62  
ASP CG   C N N 63  
ASP OD1  O N N 64  
ASP OD2  O N N 65  
ASP OXT  O N N 66  
ASP H    H N N 67  
ASP H2   H N N 68  
ASP HA   H N N 69  
ASP HB2  H N N 70  
ASP HB3  H N N 71  
ASP HD2  H N N 72  
ASP HXT  H N N 73  
CYS N    N N N 74  
CYS CA   C N R 75  
CYS C    C N N 76  
CYS O    O N N 77  
CYS CB   C N N 78  
CYS SG   S N N 79  
CYS OXT  O N N 80  
CYS H    H N N 81  
CYS H2   H N N 82  
CYS HA   H N N 83  
CYS HB2  H N N 84  
CYS HB3  H N N 85  
CYS HG   H N N 86  
CYS HXT  H N N 87  
GLN N    N N N 88  
GLN CA   C N S 89  
GLN C    C N N 90  
GLN O    O N N 91  
GLN CB   C N N 92  
GLN CG   C N N 93  
GLN CD   C N N 94  
GLN OE1  O N N 95  
GLN NE2  N N N 96  
GLN OXT  O N N 97  
GLN H    H N N 98  
GLN H2   H N N 99  
GLN HA   H N N 100 
GLN HB2  H N N 101 
GLN HB3  H N N 102 
GLN HG2  H N N 103 
GLN HG3  H N N 104 
GLN HE21 H N N 105 
GLN HE22 H N N 106 
GLN HXT  H N N 107 
GLU N    N N N 108 
GLU CA   C N S 109 
GLU C    C N N 110 
GLU O    O N N 111 
GLU CB   C N N 112 
GLU CG   C N N 113 
GLU CD   C N N 114 
GLU OE1  O N N 115 
GLU OE2  O N N 116 
GLU OXT  O N N 117 
GLU H    H N N 118 
GLU H2   H N N 119 
GLU HA   H N N 120 
GLU HB2  H N N 121 
GLU HB3  H N N 122 
GLU HG2  H N N 123 
GLU HG3  H N N 124 
GLU HE2  H N N 125 
GLU HXT  H N N 126 
GLY N    N N N 127 
GLY CA   C N N 128 
GLY C    C N N 129 
GLY O    O N N 130 
GLY OXT  O N N 131 
GLY H    H N N 132 
GLY H2   H N N 133 
GLY HA2  H N N 134 
GLY HA3  H N N 135 
GLY HXT  H N N 136 
HIS N    N N N 137 
HIS CA   C N S 138 
HIS C    C N N 139 
HIS O    O N N 140 
HIS CB   C N N 141 
HIS CG   C Y N 142 
HIS ND1  N Y N 143 
HIS CD2  C Y N 144 
HIS CE1  C Y N 145 
HIS NE2  N Y N 146 
HIS OXT  O N N 147 
HIS H    H N N 148 
HIS H2   H N N 149 
HIS HA   H N N 150 
HIS HB2  H N N 151 
HIS HB3  H N N 152 
HIS HD1  H N N 153 
HIS HD2  H N N 154 
HIS HE1  H N N 155 
HIS HE2  H N N 156 
HIS HXT  H N N 157 
HOH O    O N N 158 
HOH H1   H N N 159 
HOH H2   H N N 160 
ILE N    N N N 161 
ILE CA   C N S 162 
ILE C    C N N 163 
ILE O    O N N 164 
ILE CB   C N S 165 
ILE CG1  C N N 166 
ILE CG2  C N N 167 
ILE CD1  C N N 168 
ILE OXT  O N N 169 
ILE H    H N N 170 
ILE H2   H N N 171 
ILE HA   H N N 172 
ILE HB   H N N 173 
ILE HG12 H N N 174 
ILE HG13 H N N 175 
ILE HG21 H N N 176 
ILE HG22 H N N 177 
ILE HG23 H N N 178 
ILE HD11 H N N 179 
ILE HD12 H N N 180 
ILE HD13 H N N 181 
ILE HXT  H N N 182 
LEU N    N N N 183 
LEU CA   C N S 184 
LEU C    C N N 185 
LEU O    O N N 186 
LEU CB   C N N 187 
LEU CG   C N N 188 
LEU CD1  C N N 189 
LEU CD2  C N N 190 
LEU OXT  O N N 191 
LEU H    H N N 192 
LEU H2   H N N 193 
LEU HA   H N N 194 
LEU HB2  H N N 195 
LEU HB3  H N N 196 
LEU HG   H N N 197 
LEU HD11 H N N 198 
LEU HD12 H N N 199 
LEU HD13 H N N 200 
LEU HD21 H N N 201 
LEU HD22 H N N 202 
LEU HD23 H N N 203 
LEU HXT  H N N 204 
LYS N    N N N 205 
LYS CA   C N S 206 
LYS C    C N N 207 
LYS O    O N N 208 
LYS CB   C N N 209 
LYS CG   C N N 210 
LYS CD   C N N 211 
LYS CE   C N N 212 
LYS NZ   N N N 213 
LYS OXT  O N N 214 
LYS H    H N N 215 
LYS H2   H N N 216 
LYS HA   H N N 217 
LYS HB2  H N N 218 
LYS HB3  H N N 219 
LYS HG2  H N N 220 
LYS HG3  H N N 221 
LYS HD2  H N N 222 
LYS HD3  H N N 223 
LYS HE2  H N N 224 
LYS HE3  H N N 225 
LYS HZ1  H N N 226 
LYS HZ2  H N N 227 
LYS HZ3  H N N 228 
LYS HXT  H N N 229 
MET N    N N N 230 
MET CA   C N S 231 
MET C    C N N 232 
MET O    O N N 233 
MET CB   C N N 234 
MET CG   C N N 235 
MET SD   S N N 236 
MET CE   C N N 237 
MET OXT  O N N 238 
MET H    H N N 239 
MET H2   H N N 240 
MET HA   H N N 241 
MET HB2  H N N 242 
MET HB3  H N N 243 
MET HG2  H N N 244 
MET HG3  H N N 245 
MET HE1  H N N 246 
MET HE2  H N N 247 
MET HE3  H N N 248 
MET HXT  H N N 249 
PHE N    N N N 250 
PHE CA   C N S 251 
PHE C    C N N 252 
PHE O    O N N 253 
PHE CB   C N N 254 
PHE CG   C Y N 255 
PHE CD1  C Y N 256 
PHE CD2  C Y N 257 
PHE CE1  C Y N 258 
PHE CE2  C Y N 259 
PHE CZ   C Y N 260 
PHE OXT  O N N 261 
PHE H    H N N 262 
PHE H2   H N N 263 
PHE HA   H N N 264 
PHE HB2  H N N 265 
PHE HB3  H N N 266 
PHE HD1  H N N 267 
PHE HD2  H N N 268 
PHE HE1  H N N 269 
PHE HE2  H N N 270 
PHE HZ   H N N 271 
PHE HXT  H N N 272 
PRO N    N N N 273 
PRO CA   C N S 274 
PRO C    C N N 275 
PRO O    O N N 276 
PRO CB   C N N 277 
PRO CG   C N N 278 
PRO CD   C N N 279 
PRO OXT  O N N 280 
PRO H    H N N 281 
PRO HA   H N N 282 
PRO HB2  H N N 283 
PRO HB3  H N N 284 
PRO HG2  H N N 285 
PRO HG3  H N N 286 
PRO HD2  H N N 287 
PRO HD3  H N N 288 
PRO HXT  H N N 289 
SER N    N N N 290 
SER CA   C N S 291 
SER C    C N N 292 
SER O    O N N 293 
SER CB   C N N 294 
SER OG   O N N 295 
SER OXT  O N N 296 
SER H    H N N 297 
SER H2   H N N 298 
SER HA   H N N 299 
SER HB2  H N N 300 
SER HB3  H N N 301 
SER HG   H N N 302 
SER HXT  H N N 303 
THR N    N N N 304 
THR CA   C N S 305 
THR C    C N N 306 
THR O    O N N 307 
THR CB   C N R 308 
THR OG1  O N N 309 
THR CG2  C N N 310 
THR OXT  O N N 311 
THR H    H N N 312 
THR H2   H N N 313 
THR HA   H N N 314 
THR HB   H N N 315 
THR HG1  H N N 316 
THR HG21 H N N 317 
THR HG22 H N N 318 
THR HG23 H N N 319 
THR HXT  H N N 320 
TYR N    N N N 321 
TYR CA   C N S 322 
TYR C    C N N 323 
TYR O    O N N 324 
TYR CB   C N N 325 
TYR CG   C Y N 326 
TYR CD1  C Y N 327 
TYR CD2  C Y N 328 
TYR CE1  C Y N 329 
TYR CE2  C Y N 330 
TYR CZ   C Y N 331 
TYR OH   O N N 332 
TYR OXT  O N N 333 
TYR H    H N N 334 
TYR H2   H N N 335 
TYR HA   H N N 336 
TYR HB2  H N N 337 
TYR HB3  H N N 338 
TYR HD1  H N N 339 
TYR HD2  H N N 340 
TYR HE1  H N N 341 
TYR HE2  H N N 342 
TYR HH   H N N 343 
TYR HXT  H N N 344 
VAL N    N N N 345 
VAL CA   C N S 346 
VAL C    C N N 347 
VAL O    O N N 348 
VAL CB   C N N 349 
VAL CG1  C N N 350 
VAL CG2  C N N 351 
VAL OXT  O N N 352 
VAL H    H N N 353 
VAL H2   H N N 354 
VAL HA   H N N 355 
VAL HB   H N N 356 
VAL HG11 H N N 357 
VAL HG12 H N N 358 
VAL HG13 H N N 359 
VAL HG21 H N N 360 
VAL HG22 H N N 361 
VAL HG23 H N N 362 
VAL HXT  H N N 363 
# 
loop_
_chem_comp_bond.comp_id 
_chem_comp_bond.atom_id_1 
_chem_comp_bond.atom_id_2 
_chem_comp_bond.value_order 
_chem_comp_bond.pdbx_aromatic_flag 
_chem_comp_bond.pdbx_stereo_config 
_chem_comp_bond.pdbx_ordinal 
ALA N   CA   sing N N 1   
ALA N   H    sing N N 2   
ALA N   H2   sing N N 3   
ALA CA  C    sing N N 4   
ALA CA  CB   sing N N 5   
ALA CA  HA   sing N N 6   
ALA C   O    doub N N 7   
ALA C   OXT  sing N N 8   
ALA CB  HB1  sing N N 9   
ALA CB  HB2  sing N N 10  
ALA CB  HB3  sing N N 11  
ALA OXT HXT  sing N N 12  
ARG N   CA   sing N N 13  
ARG N   H    sing N N 14  
ARG N   H2   sing N N 15  
ARG CA  C    sing N N 16  
ARG CA  CB   sing N N 17  
ARG CA  HA   sing N N 18  
ARG C   O    doub N N 19  
ARG C   OXT  sing N N 20  
ARG CB  CG   sing N N 21  
ARG CB  HB2  sing N N 22  
ARG CB  HB3  sing N N 23  
ARG CG  CD   sing N N 24  
ARG CG  HG2  sing N N 25  
ARG CG  HG3  sing N N 26  
ARG CD  NE   sing N N 27  
ARG CD  HD2  sing N N 28  
ARG CD  HD3  sing N N 29  
ARG NE  CZ   sing N N 30  
ARG NE  HE   sing N N 31  
ARG CZ  NH1  sing N N 32  
ARG CZ  NH2  doub N N 33  
ARG NH1 HH11 sing N N 34  
ARG NH1 HH12 sing N N 35  
ARG NH2 HH21 sing N N 36  
ARG NH2 HH22 sing N N 37  
ARG OXT HXT  sing N N 38  
ASN N   CA   sing N N 39  
ASN N   H    sing N N 40  
ASN N   H2   sing N N 41  
ASN CA  C    sing N N 42  
ASN CA  CB   sing N N 43  
ASN CA  HA   sing N N 44  
ASN C   O    doub N N 45  
ASN C   OXT  sing N N 46  
ASN CB  CG   sing N N 47  
ASN CB  HB2  sing N N 48  
ASN CB  HB3  sing N N 49  
ASN CG  OD1  doub N N 50  
ASN CG  ND2  sing N N 51  
ASN ND2 HD21 sing N N 52  
ASN ND2 HD22 sing N N 53  
ASN OXT HXT  sing N N 54  
ASP N   CA   sing N N 55  
ASP N   H    sing N N 56  
ASP N   H2   sing N N 57  
ASP CA  C    sing N N 58  
ASP CA  CB   sing N N 59  
ASP CA  HA   sing N N 60  
ASP C   O    doub N N 61  
ASP C   OXT  sing N N 62  
ASP CB  CG   sing N N 63  
ASP CB  HB2  sing N N 64  
ASP CB  HB3  sing N N 65  
ASP CG  OD1  doub N N 66  
ASP CG  OD2  sing N N 67  
ASP OD2 HD2  sing N N 68  
ASP OXT HXT  sing N N 69  
CYS N   CA   sing N N 70  
CYS N   H    sing N N 71  
CYS N   H2   sing N N 72  
CYS CA  C    sing N N 73  
CYS CA  CB   sing N N 74  
CYS CA  HA   sing N N 75  
CYS C   O    doub N N 76  
CYS C   OXT  sing N N 77  
CYS CB  SG   sing N N 78  
CYS CB  HB2  sing N N 79  
CYS CB  HB3  sing N N 80  
CYS SG  HG   sing N N 81  
CYS OXT HXT  sing N N 82  
GLN N   CA   sing N N 83  
GLN N   H    sing N N 84  
GLN N   H2   sing N N 85  
GLN CA  C    sing N N 86  
GLN CA  CB   sing N N 87  
GLN CA  HA   sing N N 88  
GLN C   O    doub N N 89  
GLN C   OXT  sing N N 90  
GLN CB  CG   sing N N 91  
GLN CB  HB2  sing N N 92  
GLN CB  HB3  sing N N 93  
GLN CG  CD   sing N N 94  
GLN CG  HG2  sing N N 95  
GLN CG  HG3  sing N N 96  
GLN CD  OE1  doub N N 97  
GLN CD  NE2  sing N N 98  
GLN NE2 HE21 sing N N 99  
GLN NE2 HE22 sing N N 100 
GLN OXT HXT  sing N N 101 
GLU N   CA   sing N N 102 
GLU N   H    sing N N 103 
GLU N   H2   sing N N 104 
GLU CA  C    sing N N 105 
GLU CA  CB   sing N N 106 
GLU CA  HA   sing N N 107 
GLU C   O    doub N N 108 
GLU C   OXT  sing N N 109 
GLU CB  CG   sing N N 110 
GLU CB  HB2  sing N N 111 
GLU CB  HB3  sing N N 112 
GLU CG  CD   sing N N 113 
GLU CG  HG2  sing N N 114 
GLU CG  HG3  sing N N 115 
GLU CD  OE1  doub N N 116 
GLU CD  OE2  sing N N 117 
GLU OE2 HE2  sing N N 118 
GLU OXT HXT  sing N N 119 
GLY N   CA   sing N N 120 
GLY N   H    sing N N 121 
GLY N   H2   sing N N 122 
GLY CA  C    sing N N 123 
GLY CA  HA2  sing N N 124 
GLY CA  HA3  sing N N 125 
GLY C   O    doub N N 126 
GLY C   OXT  sing N N 127 
GLY OXT HXT  sing N N 128 
HIS N   CA   sing N N 129 
HIS N   H    sing N N 130 
HIS N   H2   sing N N 131 
HIS CA  C    sing N N 132 
HIS CA  CB   sing N N 133 
HIS CA  HA   sing N N 134 
HIS C   O    doub N N 135 
HIS C   OXT  sing N N 136 
HIS CB  CG   sing N N 137 
HIS CB  HB2  sing N N 138 
HIS CB  HB3  sing N N 139 
HIS CG  ND1  sing Y N 140 
HIS CG  CD2  doub Y N 141 
HIS ND1 CE1  doub Y N 142 
HIS ND1 HD1  sing N N 143 
HIS CD2 NE2  sing Y N 144 
HIS CD2 HD2  sing N N 145 
HIS CE1 NE2  sing Y N 146 
HIS CE1 HE1  sing N N 147 
HIS NE2 HE2  sing N N 148 
HIS OXT HXT  sing N N 149 
HOH O   H1   sing N N 150 
HOH O   H2   sing N N 151 
ILE N   CA   sing N N 152 
ILE N   H    sing N N 153 
ILE N   H2   sing N N 154 
ILE CA  C    sing N N 155 
ILE CA  CB   sing N N 156 
ILE CA  HA   sing N N 157 
ILE C   O    doub N N 158 
ILE C   OXT  sing N N 159 
ILE CB  CG1  sing N N 160 
ILE CB  CG2  sing N N 161 
ILE CB  HB   sing N N 162 
ILE CG1 CD1  sing N N 163 
ILE CG1 HG12 sing N N 164 
ILE CG1 HG13 sing N N 165 
ILE CG2 HG21 sing N N 166 
ILE CG2 HG22 sing N N 167 
ILE CG2 HG23 sing N N 168 
ILE CD1 HD11 sing N N 169 
ILE CD1 HD12 sing N N 170 
ILE CD1 HD13 sing N N 171 
ILE OXT HXT  sing N N 172 
LEU N   CA   sing N N 173 
LEU N   H    sing N N 174 
LEU N   H2   sing N N 175 
LEU CA  C    sing N N 176 
LEU CA  CB   sing N N 177 
LEU CA  HA   sing N N 178 
LEU C   O    doub N N 179 
LEU C   OXT  sing N N 180 
LEU CB  CG   sing N N 181 
LEU CB  HB2  sing N N 182 
LEU CB  HB3  sing N N 183 
LEU CG  CD1  sing N N 184 
LEU CG  CD2  sing N N 185 
LEU CG  HG   sing N N 186 
LEU CD1 HD11 sing N N 187 
LEU CD1 HD12 sing N N 188 
LEU CD1 HD13 sing N N 189 
LEU CD2 HD21 sing N N 190 
LEU CD2 HD22 sing N N 191 
LEU CD2 HD23 sing N N 192 
LEU OXT HXT  sing N N 193 
LYS N   CA   sing N N 194 
LYS N   H    sing N N 195 
LYS N   H2   sing N N 196 
LYS CA  C    sing N N 197 
LYS CA  CB   sing N N 198 
LYS CA  HA   sing N N 199 
LYS C   O    doub N N 200 
LYS C   OXT  sing N N 201 
LYS CB  CG   sing N N 202 
LYS CB  HB2  sing N N 203 
LYS CB  HB3  sing N N 204 
LYS CG  CD   sing N N 205 
LYS CG  HG2  sing N N 206 
LYS CG  HG3  sing N N 207 
LYS CD  CE   sing N N 208 
LYS CD  HD2  sing N N 209 
LYS CD  HD3  sing N N 210 
LYS CE  NZ   sing N N 211 
LYS CE  HE2  sing N N 212 
LYS CE  HE3  sing N N 213 
LYS NZ  HZ1  sing N N 214 
LYS NZ  HZ2  sing N N 215 
LYS NZ  HZ3  sing N N 216 
LYS OXT HXT  sing N N 217 
MET N   CA   sing N N 218 
MET N   H    sing N N 219 
MET N   H2   sing N N 220 
MET CA  C    sing N N 221 
MET CA  CB   sing N N 222 
MET CA  HA   sing N N 223 
MET C   O    doub N N 224 
MET C   OXT  sing N N 225 
MET CB  CG   sing N N 226 
MET CB  HB2  sing N N 227 
MET CB  HB3  sing N N 228 
MET CG  SD   sing N N 229 
MET CG  HG2  sing N N 230 
MET CG  HG3  sing N N 231 
MET SD  CE   sing N N 232 
MET CE  HE1  sing N N 233 
MET CE  HE2  sing N N 234 
MET CE  HE3  sing N N 235 
MET OXT HXT  sing N N 236 
PHE N   CA   sing N N 237 
PHE N   H    sing N N 238 
PHE N   H2   sing N N 239 
PHE CA  C    sing N N 240 
PHE CA  CB   sing N N 241 
PHE CA  HA   sing N N 242 
PHE C   O    doub N N 243 
PHE C   OXT  sing N N 244 
PHE CB  CG   sing N N 245 
PHE CB  HB2  sing N N 246 
PHE CB  HB3  sing N N 247 
PHE CG  CD1  doub Y N 248 
PHE CG  CD2  sing Y N 249 
PHE CD1 CE1  sing Y N 250 
PHE CD1 HD1  sing N N 251 
PHE CD2 CE2  doub Y N 252 
PHE CD2 HD2  sing N N 253 
PHE CE1 CZ   doub Y N 254 
PHE CE1 HE1  sing N N 255 
PHE CE2 CZ   sing Y N 256 
PHE CE2 HE2  sing N N 257 
PHE CZ  HZ   sing N N 258 
PHE OXT HXT  sing N N 259 
PRO N   CA   sing N N 260 
PRO N   CD   sing N N 261 
PRO N   H    sing N N 262 
PRO CA  C    sing N N 263 
PRO CA  CB   sing N N 264 
PRO CA  HA   sing N N 265 
PRO C   O    doub N N 266 
PRO C   OXT  sing N N 267 
PRO CB  CG   sing N N 268 
PRO CB  HB2  sing N N 269 
PRO CB  HB3  sing N N 270 
PRO CG  CD   sing N N 271 
PRO CG  HG2  sing N N 272 
PRO CG  HG3  sing N N 273 
PRO CD  HD2  sing N N 274 
PRO CD  HD3  sing N N 275 
PRO OXT HXT  sing N N 276 
SER N   CA   sing N N 277 
SER N   H    sing N N 278 
SER N   H2   sing N N 279 
SER CA  C    sing N N 280 
SER CA  CB   sing N N 281 
SER CA  HA   sing N N 282 
SER C   O    doub N N 283 
SER C   OXT  sing N N 284 
SER CB  OG   sing N N 285 
SER CB  HB2  sing N N 286 
SER CB  HB3  sing N N 287 
SER OG  HG   sing N N 288 
SER OXT HXT  sing N N 289 
THR N   CA   sing N N 290 
THR N   H    sing N N 291 
THR N   H2   sing N N 292 
THR CA  C    sing N N 293 
THR CA  CB   sing N N 294 
THR CA  HA   sing N N 295 
THR C   O    doub N N 296 
THR C   OXT  sing N N 297 
THR CB  OG1  sing N N 298 
THR CB  CG2  sing N N 299 
THR CB  HB   sing N N 300 
THR OG1 HG1  sing N N 301 
THR CG2 HG21 sing N N 302 
THR CG2 HG22 sing N N 303 
THR CG2 HG23 sing N N 304 
THR OXT HXT  sing N N 305 
TYR N   CA   sing N N 306 
TYR N   H    sing N N 307 
TYR N   H2   sing N N 308 
TYR CA  C    sing N N 309 
TYR CA  CB   sing N N 310 
TYR CA  HA   sing N N 311 
TYR C   O    doub N N 312 
TYR C   OXT  sing N N 313 
TYR CB  CG   sing N N 314 
TYR CB  HB2  sing N N 315 
TYR CB  HB3  sing N N 316 
TYR CG  CD1  doub Y N 317 
TYR CG  CD2  sing Y N 318 
TYR CD1 CE1  sing Y N 319 
TYR CD1 HD1  sing N N 320 
TYR CD2 CE2  doub Y N 321 
TYR CD2 HD2  sing N N 322 
TYR CE1 CZ   doub Y N 323 
TYR CE1 HE1  sing N N 324 
TYR CE2 CZ   sing Y N 325 
TYR CE2 HE2  sing N N 326 
TYR CZ  OH   sing N N 327 
TYR OH  HH   sing N N 328 
TYR OXT HXT  sing N N 329 
VAL N   CA   sing N N 330 
VAL N   H    sing N N 331 
VAL N   H2   sing N N 332 
VAL CA  C    sing N N 333 
VAL CA  CB   sing N N 334 
VAL CA  HA   sing N N 335 
VAL C   O    doub N N 336 
VAL C   OXT  sing N N 337 
VAL CB  CG1  sing N N 338 
VAL CB  CG2  sing N N 339 
VAL CB  HB   sing N N 340 
VAL CG1 HG11 sing N N 341 
VAL CG1 HG12 sing N N 342 
VAL CG1 HG13 sing N N 343 
VAL CG2 HG21 sing N N 344 
VAL CG2 HG22 sing N N 345 
VAL CG2 HG23 sing N N 346 
VAL OXT HXT  sing N N 347 
# 
_atom_sites.entry_id                    2G7O 
_atom_sites.fract_transf_matrix[1][1]   -0.00383400 
_atom_sites.fract_transf_matrix[1][2]   0.00017344 
_atom_sites.fract_transf_matrix[1][3]   -0.01894517 
_atom_sites.fract_transf_matrix[2][1]   0.00918590 
_atom_sites.fract_transf_matrix[2][2]   0.01692230 
_atom_sites.fract_transf_matrix[2][3]   -0.00170406 
_atom_sites.fract_transf_matrix[3][1]   0.01729018 
_atom_sites.fract_transf_matrix[3][2]   -0.00974693 
_atom_sites.fract_transf_matrix[3][3]   -0.00358830 
_atom_sites.fract_transf_vector[1]      0.165078 
_atom_sites.fract_transf_vector[2]      0.020996 
_atom_sites.fract_transf_vector[3]      0.027828 
# 
loop_
_atom_type.symbol 
C 
N 
O 
S 
# 
loop_
_atom_site.group_PDB 
_atom_site.id 
_atom_site.type_symbol 
_atom_site.label_atom_id 
_atom_site.label_alt_id 
_atom_site.label_comp_id 
_atom_site.label_asym_id 
_atom_site.label_entity_id 
_atom_site.label_seq_id 
_atom_site.pdbx_PDB_ins_code 
_atom_site.Cartn_x 
_atom_site.Cartn_y 
_atom_site.Cartn_z 
_atom_site.occupancy 
_atom_site.B_iso_or_equiv 
_atom_site.pdbx_formal_charge 
_atom_site.auth_seq_id 
_atom_site.auth_comp_id 
_atom_site.auth_asym_id 
_atom_site.auth_atom_id 
_atom_site.pdbx_PDB_model_num 
ATOM   1   N N   . ALA A 1 3  ? 20.218  -19.803 17.897  1.00 22.77 ? 60  ALA A N   1 
ATOM   2   C CA  . ALA A 1 3  ? 19.785  -20.275 16.539  1.00 23.34 ? 60  ALA A CA  1 
ATOM   3   C C   . ALA A 1 3  ? 18.575  -19.517 15.994  1.00 23.17 ? 60  ALA A C   1 
ATOM   4   O O   . ALA A 1 3  ? 17.428  -19.933 16.210  1.00 24.41 ? 60  ALA A O   1 
ATOM   5   C CB  . ALA A 1 3  ? 19.508  -21.773 16.566  1.00 23.44 ? 60  ALA A CB  1 
ATOM   6   N N   . PHE A 1 4  ? 18.835  -18.409 15.293  1.00 22.06 ? 61  PHE A N   1 
ATOM   7   C CA  . PHE A 1 4  ? 17.773  -17.546 14.778  1.00 21.29 ? 61  PHE A CA  1 
ATOM   8   C C   . PHE A 1 4  ? 17.069  -18.159 13.574  1.00 21.20 ? 61  PHE A C   1 
ATOM   9   O O   . PHE A 1 4  ? 17.692  -18.406 12.534  1.00 21.00 ? 61  PHE A O   1 
ATOM   10  C CB  . PHE A 1 4  ? 18.306  -16.157 14.418  1.00 20.70 ? 61  PHE A CB  1 
ATOM   11  C CG  . PHE A 1 4  ? 17.225  -15.176 14.033  1.00 19.42 ? 61  PHE A CG  1 
ATOM   12  C CD1 . PHE A 1 4  ? 16.393  -14.631 15.000  1.00 18.84 ? 61  PHE A CD1 1 
ATOM   13  C CD2 . PHE A 1 4  ? 17.047  -14.802 12.704  1.00 19.73 ? 61  PHE A CD2 1 
ATOM   14  C CE1 . PHE A 1 4  ? 15.393  -13.731 14.655  1.00 18.84 ? 61  PHE A CE1 1 
ATOM   15  C CE2 . PHE A 1 4  ? 16.049  -13.904 12.349  1.00 19.22 ? 61  PHE A CE2 1 
ATOM   16  C CZ  . PHE A 1 4  ? 15.223  -13.365 13.333  1.00 17.79 ? 61  PHE A CZ  1 
ATOM   17  N N   . ASN A 1 5  ? 15.766  -18.379 13.729  1.00 20.58 ? 62  ASN A N   1 
ATOM   18  C CA  . ASN A 1 5  ? 14.961  -18.997 12.694  1.00 20.07 ? 62  ASN A CA  1 
ATOM   19  C C   . ASN A 1 5  ? 14.476  -17.958 11.695  1.00 18.36 ? 62  ASN A C   1 
ATOM   20  O O   . ASN A 1 5  ? 13.379  -17.408 11.825  1.00 17.91 ? 62  ASN A O   1 
ATOM   21  C CB  . ASN A 1 5  ? 13.782  -19.762 13.303  1.00 21.05 ? 62  ASN A CB  1 
ATOM   22  C CG  . ASN A 1 5  ? 13.126  -20.710 12.312  1.00 23.82 ? 62  ASN A CG  1 
ATOM   23  O OD1 . ASN A 1 5  ? 13.236  -20.544 11.088  1.00 24.97 ? 62  ASN A OD1 1 
ATOM   24  N ND2 . ASN A 1 5  ? 12.443  -21.722 12.837  1.00 26.47 ? 62  ASN A ND2 1 
ATOM   25  N N   . GLN A 1 6  ? 15.309  -17.715 10.688  1.00 17.17 ? 63  GLN A N   1 
ATOM   26  C CA  . GLN A 1 6  ? 15.012  -16.719 9.654   1.00 15.53 ? 63  GLN A CA  1 
ATOM   27  C C   . GLN A 1 6  ? 13.719  -17.058 8.907   1.00 15.93 ? 63  GLN A C   1 
ATOM   28  O O   . GLN A 1 6  ? 12.941  -16.165 8.592   1.00 14.67 ? 63  GLN A O   1 
ATOM   29  C CB  . GLN A 1 6  ? 16.201  -16.560 8.684   1.00 15.71 ? 63  GLN A CB  1 
ATOM   30  C CG  . GLN A 1 6  ? 16.041  -15.402 7.698   1.00 15.18 ? 63  GLN A CG  1 
ATOM   31  C CD  . GLN A 1 6  ? 16.059  -14.042 8.373   1.00 13.66 ? 63  GLN A CD  1 
ATOM   32  O OE1 . GLN A 1 6  ? 16.958  -13.759 9.172   1.00 16.53 ? 63  GLN A OE1 1 
ATOM   33  N NE2 . GLN A 1 6  ? 15.077  -13.195 8.062   1.00 14.39 ? 63  GLN A NE2 1 
ATOM   34  N N   . THR A 1 7  ? 13.472  -18.340 8.654   1.00 15.20 ? 64  THR A N   1 
ATOM   35  C CA  . THR A 1 7  ? 12.273  -18.749 7.926   1.00 15.66 ? 64  THR A CA  1 
ATOM   36  C C   . THR A 1 7  ? 11.002  -18.391 8.704   1.00 14.12 ? 64  THR A C   1 
ATOM   37  O O   . THR A 1 7  ? 10.068  -17.790 8.161   1.00 13.70 ? 64  THR A O   1 
ATOM   38  C CB  . THR A 1 7  ? 12.293  -20.247 7.588   1.00 15.80 ? 64  THR A CB  1 
ATOM   39  O OG1 . THR A 1 7  ? 13.393  -20.514 6.717   1.00 19.51 ? 64  THR A OG1 1 
ATOM   40  C CG2 . THR A 1 7  ? 10.994  -20.653 6.923   1.00 17.76 ? 64  THR A CG2 1 
ATOM   41  N N   . GLU A 1 8  ? 10.977  -18.733 9.988   1.00 14.19 ? 65  GLU A N   1 
ATOM   42  C CA  . GLU A 1 8  ? 9.826   -18.398 10.822  1.00 13.62 ? 65  GLU A CA  1 
ATOM   43  C C   . GLU A 1 8  ? 9.660   -16.883 10.997  1.00 13.05 ? 65  GLU A C   1 
ATOM   44  O O   . GLU A 1 8  ? 8.545   -16.376 11.036  1.00 13.64 ? 65  GLU A O   1 
ATOM   45  C CB  . GLU A 1 8  ? 9.893   -19.132 12.167  1.00 14.65 ? 65  GLU A CB  1 
ATOM   46  C CG  . GLU A 1 8  ? 9.637   -20.638 12.044  1.00 16.69 ? 65  GLU A CG  1 
ATOM   47  C CD  . GLU A 1 8  ? 8.225   -20.981 11.608  1.00 20.35 ? 65  GLU A CD  1 
ATOM   48  O OE1 . GLU A 1 8  ? 7.257   -20.459 12.194  1.00 21.34 ? 65  GLU A OE1 1 
ATOM   49  O OE2 . GLU A 1 8  ? 8.084   -21.792 10.668  1.00 25.26 ? 65  GLU A OE2 1 
ATOM   50  N N   . PHE A 1 9  ? 10.783  -16.165 11.074  1.00 13.29 ? 66  PHE A N   1 
ATOM   51  C CA  . PHE A 1 9  ? 10.734  -14.701 11.149  1.00 12.75 ? 66  PHE A CA  1 
ATOM   52  C C   . PHE A 1 9  ? 10.100  -14.156 9.871   1.00 13.04 ? 66  PHE A C   1 
ATOM   53  O O   . PHE A 1 9  ? 9.191   -13.335 9.920   1.00 13.68 ? 66  PHE A O   1 
ATOM   54  C CB  . PHE A 1 9  ? 12.149  -14.136 11.392  1.00 12.07 ? 66  PHE A CB  1 
ATOM   55  C CG  . PHE A 1 9  ? 12.210  -12.633 11.512  1.00 12.34 ? 66  PHE A CG  1 
ATOM   56  C CD1 . PHE A 1 9  ? 12.404  -11.836 10.388  1.00 13.63 ? 66  PHE A CD1 1 
ATOM   57  C CD2 . PHE A 1 9  ? 12.074  -12.023 12.755  1.00 13.27 ? 66  PHE A CD2 1 
ATOM   58  C CE1 . PHE A 1 9  ? 12.455  -10.449 10.509  1.00 14.76 ? 66  PHE A CE1 1 
ATOM   59  C CE2 . PHE A 1 9  ? 12.149  -10.638 12.888  1.00 14.19 ? 66  PHE A CE2 1 
ATOM   60  C CZ  . PHE A 1 9  ? 12.354  -9.859  11.777  1.00 13.51 ? 66  PHE A CZ  1 
ATOM   61  N N   . ASN A 1 10 ? 10.564  -14.636 8.719   1.00 13.16 ? 67  ASN A N   1 
ATOM   62  C CA  . ASN A 1 10 ? 10.004  -14.239 7.419   1.00 13.57 ? 67  ASN A CA  1 
ATOM   63  C C   . ASN A 1 10 ? 8.519   -14.528 7.324   1.00 13.55 ? 67  ASN A C   1 
ATOM   64  O O   . ASN A 1 10 ? 7.778   -13.735 6.754   1.00 13.52 ? 67  ASN A O   1 
ATOM   65  C CB  . ASN A 1 10 ? 10.733  -14.945 6.258   1.00 13.00 ? 67  ASN A CB  1 
ATOM   66  C CG  . ASN A 1 10 ? 12.143  -14.446 6.040   1.00 15.05 ? 67  ASN A CG  1 
ATOM   67  O OD1 . ASN A 1 10 ? 12.517  -13.376 6.525   1.00 15.43 ? 67  ASN A OD1 1 
ATOM   68  N ND2 . ASN A 1 10 ? 12.927  -15.221 5.297   1.00 13.87 ? 67  ASN A ND2 1 
ATOM   69  N N   . LYS A 1 11 ? 8.078   -15.670 7.847   1.00 13.15 ? 68  LYS A N   1 
ATOM   70  C CA  . LYS A 1 11 ? 6.663   -16.034 7.827   1.00 13.89 ? 68  LYS A CA  1 
ATOM   71  C C   . LYS A 1 11 ? 5.843   -15.046 8.629   1.00 13.72 ? 68  LYS A C   1 
ATOM   72  O O   . LYS A 1 11 ? 4.778   -14.615 8.184   1.00 14.29 ? 68  LYS A O   1 
ATOM   73  C CB  . LYS A 1 11 ? 6.435   -17.439 8.381   1.00 13.84 ? 68  LYS A CB  1 
ATOM   74  C CG  . LYS A 1 11 ? 6.912   -18.524 7.466   1.00 16.52 ? 68  LYS A CG  1 
ATOM   75  C CD  . LYS A 1 11 ? 6.894   -19.885 8.136   1.00 19.81 ? 68  LYS A CD  1 
ATOM   76  C CE  . LYS A 1 11 ? 5.489   -20.397 8.339   1.00 23.80 ? 68  LYS A CE  1 
ATOM   77  N NZ  . LYS A 1 11 ? 5.535   -21.807 8.823   1.00 25.24 ? 68  LYS A NZ  1 
ATOM   78  N N   . LEU A 1 12 ? 6.313   -14.699 9.829   1.00 13.67 ? 69  LEU A N   1 
ATOM   79  C CA  . LEU A 1 12 ? 5.595   -13.721 10.655  1.00 14.63 ? 69  LEU A CA  1 
ATOM   80  C C   . LEU A 1 12 ? 5.577   -12.351 9.980   1.00 14.74 ? 69  LEU A C   1 
ATOM   81  O O   . LEU A 1 12 ? 4.519   -11.665 9.941   1.00 14.76 ? 69  LEU A O   1 
ATOM   82  C CB  . LEU A 1 12 ? 6.192   -13.642 12.058  1.00 14.42 ? 69  LEU A CB  1 
ATOM   83  C CG  . LEU A 1 12 ? 5.507   -12.616 12.974  1.00 15.96 ? 69  LEU A CG  1 
ATOM   84  C CD1 . LEU A 1 12 ? 3.992   -12.874 13.086  1.00 17.74 ? 69  LEU A CD1 1 
ATOM   85  C CD2 . LEU A 1 12 ? 6.156   -12.688 14.342  1.00 16.13 ? 69  LEU A CD2 1 
ATOM   86  N N   . LEU A 1 13 ? 6.717   -11.925 9.454   1.00 14.55 ? 70  LEU A N   1 
ATOM   87  C CA  . LEU A 1 13 ? 6.822   -10.639 8.767   1.00 16.07 ? 70  LEU A CA  1 
ATOM   88  C C   . LEU A 1 13 ? 5.828   -10.569 7.617   1.00 15.52 ? 70  LEU A C   1 
ATOM   89  O O   . LEU A 1 13 ? 5.075   -9.580  7.477   1.00 16.12 ? 70  LEU A O   1 
ATOM   90  C CB  . LEU A 1 13 ? 8.249   -10.451 8.257   1.00 16.94 ? 70  LEU A CB  1 
ATOM   91  C CG  . LEU A 1 13 ? 8.604   -9.252  7.404   1.00 17.53 ? 70  LEU A CG  1 
ATOM   92  C CD1 . LEU A 1 13 ? 8.246   -7.968  8.162   1.00 18.07 ? 70  LEU A CD1 1 
ATOM   93  C CD2 . LEU A 1 13 ? 10.082  -9.282  7.040   1.00 17.62 ? 70  LEU A CD2 1 
ATOM   94  N N   . LEU A 1 14 ? 5.787   -11.604 6.792   1.00 15.35 ? 71  LEU A N   1 
ATOM   95  C CA  . LEU A 1 14 ? 4.900   -11.596 5.635   1.00 16.24 ? 71  LEU A CA  1 
ATOM   96  C C   . LEU A 1 14 ? 3.436   -11.607 6.060   1.00 16.02 ? 71  LEU A C   1 
ATOM   97  O O   . LEU A 1 14 ? 2.623   -10.832 5.518   1.00 15.75 ? 71  LEU A O   1 
ATOM   98  C CB  . LEU A 1 14 ? 5.202   -12.779 4.719   1.00 16.91 ? 71  LEU A CB  1 
ATOM   99  C CG  . LEU A 1 14 ? 4.601   -12.563 3.325   1.00 19.19 ? 71  LEU A CG  1 
ATOM   100 C CD1 . LEU A 1 14 ? 5.188   -11.286 2.652   1.00 21.58 ? 71  LEU A CD1 1 
ATOM   101 C CD2 . LEU A 1 14 ? 4.831   -13.797 2.463   1.00 17.69 ? 71  LEU A CD2 1 
ATOM   102 N N   . GLU A 1 15 ? 3.076   -12.451 7.017   1.00 15.03 ? 72  GLU A N   1 
ATOM   103 C CA  . GLU A 1 15 ? 1.690   -12.495 7.470   1.00 15.73 ? 72  GLU A CA  1 
ATOM   104 C C   . GLU A 1 15 ? 1.270   -11.121 7.959   1.00 15.44 ? 72  GLU A C   1 
ATOM   105 O O   . GLU A 1 15 ? 0.195   -10.624 7.613   1.00 15.85 ? 72  GLU A O   1 
ATOM   106 C CB  . GLU A 1 15 ? 1.499   -13.528 8.593   1.00 15.08 ? 72  GLU A CB  1 
ATOM   107 C CG  . GLU A 1 15 ? 0.014   -13.697 8.958   1.00 17.95 ? 72  GLU A CG  1 
ATOM   108 C CD  . GLU A 1 15 ? -0.253  -14.579 10.170  1.00 18.62 ? 72  GLU A CD  1 
ATOM   109 O OE1 . GLU A 1 15 ? 0.604   -15.415 10.525  1.00 23.64 ? 72  GLU A OE1 1 
ATOM   110 O OE2 . GLU A 1 15 ? -1.366  -14.459 10.751  1.00 24.92 ? 72  GLU A OE2 1 
ATOM   111 N N   . CYS A 1 16 ? 2.112   -10.487 8.760   1.00 14.58 ? 73  CYS A N   1 
ATOM   112 C CA  . CYS A 1 16 ? 1.771   -9.169  9.297   1.00 14.95 ? 73  CYS A CA  1 
ATOM   113 C C   . CYS A 1 16 ? 1.611   -8.137  8.180   1.00 14.81 ? 73  CYS A C   1 
ATOM   114 O O   . CYS A 1 16 ? 0.608   -7.416  8.141   1.00 16.17 ? 73  CYS A O   1 
ATOM   115 C CB  . CYS A 1 16 ? 2.833   -8.687  10.291  1.00 14.29 ? 73  CYS A CB  1 
ATOM   116 S SG  . CYS A 1 16 ? 2.768   -9.489  11.866  1.00 16.11 ? 73  CYS A SG  1 
ATOM   117 N N   . VAL A 1 17 ? 2.571   -8.011  7.281   1.00 14.66 ? 74  VAL A N   1 
ATOM   118 C CA  . VAL A 1 17 ? 2.500   -6.927  6.295   1.00 14.69 ? 74  VAL A CA  1 
ATOM   119 C C   . VAL A 1 17 ? 1.380   -7.158  5.284   1.00 15.12 ? 74  VAL A C   1 
ATOM   120 O O   . VAL A 1 17 ? 0.723   -6.202  4.856   1.00 15.12 ? 74  VAL A O   1 
ATOM   121 C CB  . VAL A 1 17 ? 3.880   -6.598  5.588   1.00 15.21 ? 74  VAL A CB  1 
ATOM   122 C CG1 . VAL A 1 17 ? 4.934   -6.213  6.634   1.00 14.84 ? 74  VAL A CG1 1 
ATOM   123 C CG2 . VAL A 1 17 ? 4.360   -7.680  4.613   1.00 17.38 ? 74  VAL A CG2 1 
ATOM   124 N N   . VAL A 1 18 ? 1.136   -8.401  4.881   1.00 14.60 ? 75  VAL A N   1 
ATOM   125 C CA  . VAL A 1 18 ? 0.046   -8.686  3.950   1.00 14.61 ? 75  VAL A CA  1 
ATOM   126 C C   . VAL A 1 18 ? -1.303  -8.444  4.635   1.00 14.98 ? 75  VAL A C   1 
ATOM   127 O O   . VAL A 1 18 ? -2.216  -7.836  4.046   1.00 15.62 ? 75  VAL A O   1 
ATOM   128 C CB  . VAL A 1 18 ? 0.138   -10.114 3.377   1.00 13.60 ? 75  VAL A CB  1 
ATOM   129 C CG1 . VAL A 1 18 ? -1.100  -10.453 2.540   1.00 14.87 ? 75  VAL A CG1 1 
ATOM   130 C CG2 . VAL A 1 18 ? 1.418   -10.291 2.557   1.00 14.51 ? 75  VAL A CG2 1 
ATOM   131 N N   . LYS A 1 19 ? -1.445  -8.908  5.877   1.00 14.93 ? 76  LYS A N   1 
ATOM   132 C CA  . LYS A 1 19 ? -2.700  -8.715  6.603   1.00 14.78 ? 76  LYS A CA  1 
ATOM   133 C C   . LYS A 1 19 ? -2.946  -7.228  6.822   1.00 15.14 ? 76  LYS A C   1 
ATOM   134 O O   . LYS A 1 19 ? -4.083  -6.746  6.669   1.00 15.67 ? 76  LYS A O   1 
ATOM   135 C CB  . LYS A 1 19 ? -2.677  -9.478  7.931   1.00 14.38 ? 76  LYS A CB  1 
ATOM   136 C CG  . LYS A 1 19 ? -4.059  -9.656  8.529   1.00 15.23 ? 76  LYS A CG  1 
ATOM   137 C CD  . LYS A 1 19 ? -3.996  -10.651 9.692   1.00 15.29 ? 76  LYS A CD  1 
ATOM   138 C CE  . LYS A 1 19 ? -5.360  -10.902 10.297  1.00 16.15 ? 76  LYS A CE  1 
ATOM   139 N NZ  . LYS A 1 19 ? -5.283  -11.921 11.362  1.00 19.57 ? 76  LYS A NZ  1 
ATOM   140 N N   . THR A 1 20 ? -1.909  -6.491  7.212   1.00 14.74 ? 77  THR A N   1 
ATOM   141 C CA  . THR A 1 20 ? -2.044  -5.059  7.423   1.00 14.79 ? 77  THR A CA  1 
ATOM   142 C C   . THR A 1 20 ? -2.433  -4.354  6.149   1.00 15.61 ? 77  THR A C   1 
ATOM   143 O O   . THR A 1 20 ? -3.358  -3.533  6.168   1.00 16.51 ? 77  THR A O   1 
ATOM   144 C CB  . THR A 1 20 ? -0.756  -4.479  8.040   1.00 14.22 ? 77  THR A CB  1 
ATOM   145 O OG1 . THR A 1 20 ? -0.665  -4.896  9.393   1.00 15.18 ? 77  THR A OG1 1 
ATOM   146 C CG2 . THR A 1 20 ? -0.727  -2.982  7.986   1.00 14.55 ? 77  THR A CG2 1 
ATOM   147 N N   . GLN A 1 21 ? -1.787  -4.651  5.041   1.00 15.23 ? 78  GLN A N   1 
ATOM   148 C CA  . GLN A 1 21 ? -2.116  -3.947  3.807   1.00 14.34 ? 78  GLN A CA  1 
ATOM   149 C C   . GLN A 1 21 ? -3.567  -4.245  3.385   1.00 15.35 ? 78  GLN A C   1 
ATOM   150 O O   . GLN A 1 21 ? -4.299  -3.328  2.962   1.00 15.60 ? 78  GLN A O   1 
ATOM   151 C CB  . GLN A 1 21 ? -1.135  -4.310  2.695   1.00 14.93 ? 78  GLN A CB  1 
ATOM   152 C CG  . GLN A 1 21 ? -1.484  -3.745  1.324   1.00 14.71 ? 78  GLN A CG  1 
ATOM   153 C CD  . GLN A 1 21 ? -1.890  -2.294  1.324   1.00 19.29 ? 78  GLN A CD  1 
ATOM   154 O OE1 . GLN A 1 21 ? -1.317  -1.450  2.036   1.00 20.33 ? 78  GLN A OE1 1 
ATOM   155 N NE2 . GLN A 1 21 ? -2.891  -1.983  0.486   1.00 16.66 ? 78  GLN A NE2 1 
ATOM   156 N N   . SER A 1 22 ? -3.993  -5.497  3.480   1.00 15.19 ? 79  SER A N   1 
ATOM   157 C CA  . SER A 1 22 ? -5.359  -5.859  3.088   1.00 15.19 ? 79  SER A CA  1 
ATOM   158 C C   . SER A 1 22 ? -6.378  -5.129  3.975   1.00 15.22 ? 79  SER A C   1 
ATOM   159 O O   . SER A 1 22 ? -7.439  -4.702  3.501   1.00 16.65 ? 79  SER A O   1 
ATOM   160 C CB  . SER A 1 22 ? -5.560  -7.369  3.195   1.00 14.45 ? 79  SER A CB  1 
ATOM   161 O OG  A SER A 1 22 ? -6.829  -7.751  2.696   0.50 14.76 ? 79  SER A OG  1 
ATOM   162 O OG  B SER A 1 22 ? -4.649  -8.085  2.372   0.50 17.10 ? 79  SER A OG  1 
ATOM   163 N N   . SER A 1 23 ? -6.052  -4.970  5.255   1.00 15.54 ? 80  SER A N   1 
ATOM   164 C CA  . SER A 1 23 ? -6.936  -4.318  6.217   1.00 15.34 ? 80  SER A CA  1 
ATOM   165 C C   . SER A 1 23 ? -6.957  -2.830  5.970   1.00 15.76 ? 80  SER A C   1 
ATOM   166 O O   . SER A 1 23 ? -8.041  -2.211  5.991   1.00 15.97 ? 80  SER A O   1 
ATOM   167 C CB  . SER A 1 23 ? -6.488  -4.631  7.644   1.00 15.06 ? 80  SER A CB  1 
ATOM   168 O OG  . SER A 1 23 ? -6.484  -6.034  7.887   1.00 15.26 ? 80  SER A OG  1 
ATOM   169 N N   . VAL A 1 24 ? -5.787  -2.222  5.767   1.00 15.04 ? 81  VAL A N   1 
ATOM   170 C CA  . VAL A 1 24 ? -5.670  -0.800  5.506   1.00 15.58 ? 81  VAL A CA  1 
ATOM   171 C C   . VAL A 1 24 ? -6.381  -0.421  4.214   1.00 16.00 ? 81  VAL A C   1 
ATOM   172 O O   . VAL A 1 24 ? -6.981  0.656   4.142   1.00 15.82 ? 81  VAL A O   1 
ATOM   173 C CB  . VAL A 1 24 ? -4.166  -0.377  5.527   1.00 15.65 ? 81  VAL A CB  1 
ATOM   174 C CG1 . VAL A 1 24 ? -3.922  0.956   4.835   1.00 16.93 ? 81  VAL A CG1 1 
ATOM   175 C CG2 . VAL A 1 24 ? -3.656  -0.350  6.959   1.00 16.30 ? 81  VAL A CG2 1 
ATOM   176 N N   . ALA A 1 25 ? -6.336  -1.263  3.190   1.00 15.36 ? 82  ALA A N   1 
ATOM   177 C CA  . ALA A 1 25 ? -7.068  -0.974  1.967   1.00 14.66 ? 82  ALA A CA  1 
ATOM   178 C C   . ALA A 1 25 ? -8.564  -0.819  2.242   1.00 14.60 ? 82  ALA A C   1 
ATOM   179 O O   . ALA A 1 25 ? -9.233  0.041   1.637   1.00 16.07 ? 82  ALA A O   1 
ATOM   180 C CB  . ALA A 1 25 ? -6.827  -2.082  0.934   1.00 14.49 ? 82  ALA A CB  1 
ATOM   181 N N   . LYS A 1 26 ? -9.091  -1.623  3.153   1.00 14.47 ? 83  LYS A N   1 
ATOM   182 C CA  . LYS A 1 26 ? -10.516 -1.504  3.512   1.00 14.41 ? 83  LYS A CA  1 
ATOM   183 C C   . LYS A 1 26 ? -10.788 -0.280  4.370   1.00 15.34 ? 83  LYS A C   1 
ATOM   184 O O   . LYS A 1 26 ? -11.778 0.434   4.157   1.00 15.35 ? 83  LYS A O   1 
ATOM   185 C CB  . LYS A 1 26 ? -11.002 -2.765  4.220   1.00 15.22 ? 83  LYS A CB  1 
ATOM   186 C CG  . LYS A 1 26 ? -10.895 -3.970  3.286   1.00 16.22 ? 83  LYS A CG  1 
ATOM   187 C CD  . LYS A 1 26 ? -11.121 -5.282  3.971   1.00 17.58 ? 83  LYS A CD  1 
ATOM   188 C CE  . LYS A 1 26 ? -11.067 -6.439  2.951   1.00 17.41 ? 83  LYS A CE  1 
ATOM   189 N NZ  A LYS A 1 26 ? -9.701  -6.637  2.378   0.50 17.05 ? 83  LYS A NZ  1 
ATOM   190 N NZ  B LYS A 1 26 ? -11.814 -6.208  1.676   0.50 17.92 ? 83  LYS A NZ  1 
ATOM   191 N N   . ILE A 1 27 ? -9.933  -0.032  5.352   1.00 14.82 ? 84  ILE A N   1 
ATOM   192 C CA  . ILE A 1 27 ? -10.064 1.170   6.170   1.00 14.73 ? 84  ILE A CA  1 
ATOM   193 C C   . ILE A 1 27 ? -10.022 2.426   5.286   1.00 14.31 ? 84  ILE A C   1 
ATOM   194 O O   . ILE A 1 27 ? -10.797 3.364   5.518   1.00 15.21 ? 84  ILE A O   1 
ATOM   195 C CB  . ILE A 1 27 ? -8.987  1.234   7.265   1.00 14.59 ? 84  ILE A CB  1 
ATOM   196 C CG1 . ILE A 1 27 ? -9.191  0.070   8.241   1.00 14.75 ? 84  ILE A CG1 1 
ATOM   197 C CG2 . ILE A 1 27 ? -8.997  2.586   8.000   1.00 14.14 ? 84  ILE A CG2 1 
ATOM   198 C CD1 . ILE A 1 27 ? -7.928  -0.300  9.033   1.00 15.91 ? 84  ILE A CD1 1 
ATOM   199 N N   . LEU A 1 28 ? -9.172  2.470   4.269   1.00 14.33 ? 85  LEU A N   1 
ATOM   200 C CA  . LEU A 1 28 ? -9.085  3.609   3.363   1.00 14.11 ? 85  LEU A CA  1 
ATOM   201 C C   . LEU A 1 28 ? -10.417 3.800   2.656   1.00 14.60 ? 85  LEU A C   1 
ATOM   202 O O   . LEU A 1 28 ? -10.906 4.926   2.527   1.00 14.43 ? 85  LEU A O   1 
ATOM   203 C CB  . LEU A 1 28 ? -7.951  3.399   2.349   1.00 13.99 ? 85  LEU A CB  1 
ATOM   204 C CG  . LEU A 1 28 ? -7.717  4.580   1.400   1.00 13.49 ? 85  LEU A CG  1 
ATOM   205 C CD1 . LEU A 1 28 ? -7.135  5.792   2.116   1.00 14.90 ? 85  LEU A CD1 1 
ATOM   206 C CD2 . LEU A 1 28 ? -6.795  4.179   0.235   1.00 14.62 ? 85  LEU A CD2 1 
ATOM   207 N N   . GLY A 1 29 ? -11.017 2.714   2.184   1.00 14.28 ? 86  GLY A N   1 
ATOM   208 C CA  . GLY A 1 29 ? -12.310 2.823   1.512   1.00 14.62 ? 86  GLY A CA  1 
ATOM   209 C C   . GLY A 1 29 ? -13.377 3.334   2.462   1.00 14.16 ? 86  GLY A C   1 
ATOM   210 O O   . GLY A 1 29 ? -14.187 4.201   2.087   1.00 15.06 ? 86  GLY A O   1 
ATOM   211 N N   . ILE A 1 30 ? -13.425 2.797   3.683   1.00 14.05 ? 87  ILE A N   1 
ATOM   212 C CA  . ILE A 1 30 ? -14.433 3.268   4.649   1.00 13.52 ? 87  ILE A CA  1 
ATOM   213 C C   . ILE A 1 30 ? -14.234 4.757   4.961   1.00 13.67 ? 87  ILE A C   1 
ATOM   214 O O   . ILE A 1 30 ? -15.204 5.528   5.000   1.00 14.40 ? 87  ILE A O   1 
ATOM   215 C CB  . ILE A 1 30 ? -14.391 2.425   5.932   1.00 12.74 ? 87  ILE A CB  1 
ATOM   216 C CG1 . ILE A 1 30 ? -14.837 0.979   5.625   1.00 13.54 ? 87  ILE A CG1 1 
ATOM   217 C CG2 . ILE A 1 30 ? -15.281 3.062   7.023   1.00 12.71 ? 87  ILE A CG2 1 
ATOM   218 C CD1 . ILE A 1 30 ? -14.546 -0.026  6.767   1.00 14.12 ? 87  ILE A CD1 1 
ATOM   219 N N   . GLU A 1 31 ? -12.988 5.166   5.169   1.00 13.70 ? 88  GLU A N   1 
ATOM   220 C CA  . GLU A 1 31 ? -12.694 6.560   5.499   1.00 14.50 ? 88  GLU A CA  1 
ATOM   221 C C   . GLU A 1 31 ? -13.048 7.511   4.358   1.00 13.99 ? 88  GLU A C   1 
ATOM   222 O O   . GLU A 1 31 ? -13.463 8.654   4.589   1.00 13.87 ? 88  GLU A O   1 
ATOM   223 C CB  . GLU A 1 31 ? -11.221 6.736   5.890   1.00 14.62 ? 88  GLU A CB  1 
ATOM   224 C CG  . GLU A 1 31 ? -10.872 6.157   7.246   1.00 16.73 ? 88  GLU A CG  1 
ATOM   225 C CD  . GLU A 1 31 ? -11.318 7.046   8.378   1.00 18.80 ? 88  GLU A CD  1 
ATOM   226 O OE1 . GLU A 1 31 ? -12.248 7.866   8.230   1.00 22.84 ? 88  GLU A OE1 1 
ATOM   227 O OE2 . GLU A 1 31 ? -10.700 6.917   9.447   1.00 28.45 ? 88  GLU A OE2 1 
ATOM   228 N N   . SER A 1 32 ? -12.882 7.049   3.123   1.00 13.76 ? 89  SER A N   1 
ATOM   229 C CA  . SER A 1 32 ? -13.260 7.875   1.960   1.00 14.39 ? 89  SER A CA  1 
ATOM   230 C C   . SER A 1 32 ? -14.760 8.215   1.947   1.00 15.05 ? 89  SER A C   1 
ATOM   231 O O   . SER A 1 32 ? -15.163 9.232   1.353   1.00 15.96 ? 89  SER A O   1 
ATOM   232 C CB  . SER A 1 32 ? -12.863 7.179   0.650   1.00 15.04 ? 89  SER A CB  1 
ATOM   233 O OG  . SER A 1 32 ? -13.808 6.190   0.262   1.00 16.39 ? 89  SER A OG  1 
ATOM   234 N N   . LEU A 1 33 ? -15.572 7.385   2.606   1.00 15.83 ? 90  LEU A N   1 
ATOM   235 C CA  . LEU A 1 33 ? -17.021 7.547   2.642   1.00 16.84 ? 90  LEU A CA  1 
ATOM   236 C C   . LEU A 1 33 ? -17.451 8.405   3.824   1.00 16.91 ? 90  LEU A C   1 
ATOM   237 O O   . LEU A 1 33 ? -18.660 8.683   3.974   1.00 17.53 ? 90  LEU A O   1 
ATOM   238 C CB  . LEU A 1 33 ? -17.700 6.158   2.700   1.00 17.14 ? 90  LEU A CB  1 
ATOM   239 C CG  . LEU A 1 33 ? -17.710 5.320   1.408   1.00 19.06 ? 90  LEU A CG  1 
ATOM   240 C CD1 . LEU A 1 33 ? -18.082 3.856   1.667   1.00 21.58 ? 90  LEU A CD1 1 
ATOM   241 C CD2 . LEU A 1 33 ? -18.668 5.911   0.380   1.00 20.46 ? 90  LEU A CD2 1 
ATOM   242 N N   . SER A 1 34 ? -16.498 8.839   4.653   1.00 16.37 ? 91  SER A N   1 
ATOM   243 C CA  . SER A 1 34 ? -16.828 9.625   5.835   1.00 16.21 ? 91  SER A CA  1 
ATOM   244 C C   . SER A 1 34 ? -17.441 10.972  5.440   1.00 16.29 ? 91  SER A C   1 
ATOM   245 O O   . SER A 1 34 ? -16.911 11.662  4.568   1.00 15.25 ? 91  SER A O   1 
ATOM   246 C CB  . SER A 1 34 ? -15.604 9.934   6.698   1.00 17.09 ? 91  SER A CB  1 
ATOM   247 O OG  A SER A 1 34 ? -16.071 10.360  7.958   0.50 14.90 ? 91  SER A OG  1 
ATOM   248 O OG  B SER A 1 34 ? -14.961 8.806   7.269   0.50 16.78 ? 91  SER A OG  1 
ATOM   249 N N   . PRO A 1 35 ? -18.525 11.382  6.128   1.00 16.78 ? 92  PRO A N   1 
ATOM   250 C CA  . PRO A 1 35 ? -19.146 12.657  5.742   1.00 17.07 ? 92  PRO A CA  1 
ATOM   251 C C   . PRO A 1 35 ? -18.251 13.896  5.881   1.00 17.32 ? 92  PRO A C   1 
ATOM   252 O O   . PRO A 1 35 ? -18.420 14.847  5.123   1.00 17.02 ? 92  PRO A O   1 
ATOM   253 C CB  . PRO A 1 35 ? -20.370 12.772  6.671   1.00 17.13 ? 92  PRO A CB  1 
ATOM   254 C CG  . PRO A 1 35 ? -20.273 11.681  7.670   1.00 18.38 ? 92  PRO A CG  1 
ATOM   255 C CD  . PRO A 1 35 ? -19.215 10.708  7.243   1.00 16.97 ? 92  PRO A CD  1 
ATOM   256 N N   . HIS A 1 36 ? -17.280 13.901  6.793   1.00 18.25 ? 93  HIS A N   1 
ATOM   257 C CA  . HIS A 1 36 ? -16.451 15.113  6.940   1.00 18.68 ? 93  HIS A CA  1 
ATOM   258 C C   . HIS A 1 36 ? -15.430 15.345  5.819   1.00 19.00 ? 93  HIS A C   1 
ATOM   259 O O   . HIS A 1 36 ? -14.854 16.436  5.710   1.00 20.50 ? 93  HIS A O   1 
ATOM   260 C CB  . HIS A 1 36 ? -15.796 15.212  8.320   1.00 19.61 ? 93  HIS A CB  1 
ATOM   261 C CG  . HIS A 1 36 ? -14.846 14.094  8.620   1.00 18.65 ? 93  HIS A CG  1 
ATOM   262 N ND1 . HIS A 1 36 ? -15.268 12.847  9.010   1.00 24.20 ? 93  HIS A ND1 1 
ATOM   263 C CD2 . HIS A 1 36 ? -13.492 14.050  8.604   1.00 22.31 ? 93  HIS A CD2 1 
ATOM   264 C CE1 . HIS A 1 36 ? -14.213 12.074  9.212   1.00 24.27 ? 93  HIS A CE1 1 
ATOM   265 N NE2 . HIS A 1 36 ? -13.126 12.781  8.965   1.00 21.81 ? 93  HIS A NE2 1 
ATOM   266 N N   . VAL A 1 37 ? -15.232 14.340  4.965   1.00 17.44 ? 94  VAL A N   1 
ATOM   267 C CA  . VAL A 1 37 ? -14.398 14.570  3.780   1.00 17.33 ? 94  VAL A CA  1 
ATOM   268 C C   . VAL A 1 37 ? -15.156 14.580  2.436   1.00 17.89 ? 94  VAL A C   1 
ATOM   269 O O   . VAL A 1 37 ? -14.556 14.683  1.379   1.00 15.73 ? 94  VAL A O   1 
ATOM   270 C CB  . VAL A 1 37 ? -13.113 13.695  3.760   1.00 17.29 ? 94  VAL A CB  1 
ATOM   271 C CG1 . VAL A 1 37 ? -12.159 14.116  4.907   1.00 16.25 ? 94  VAL A CG1 1 
ATOM   272 C CG2 . VAL A 1 37 ? -13.439 12.217  3.847   1.00 17.19 ? 94  VAL A CG2 1 
ATOM   273 N N   . SER A 1 38 ? -16.488 14.526  2.486   1.00 19.76 ? 95  SER A N   1 
ATOM   274 C CA  . SER A 1 38 ? -17.283 14.720  1.256   1.00 21.86 ? 95  SER A CA  1 
ATOM   275 C C   . SER A 1 38 ? -16.935 16.072  0.628   1.00 22.02 ? 95  SER A C   1 
ATOM   276 O O   . SER A 1 38 ? -16.798 17.083  1.335   1.00 22.68 ? 95  SER A O   1 
ATOM   277 C CB  . SER A 1 38 ? -18.790 14.612  1.519   1.00 22.39 ? 95  SER A CB  1 
ATOM   278 O OG  . SER A 1 38 ? -19.277 15.733  2.246   1.00 26.46 ? 95  SER A OG  1 
ATOM   279 N N   . GLY A 1 39 ? -16.740 16.065  -0.690  1.00 22.82 ? 96  GLY A N   1 
ATOM   280 C CA  . GLY A 1 39 ? -16.391 17.277  -1.433  1.00 22.59 ? 96  GLY A CA  1 
ATOM   281 C C   . GLY A 1 39 ? -14.954 17.758  -1.282  1.00 21.91 ? 96  GLY A C   1 
ATOM   282 O O   . GLY A 1 39 ? -14.585 18.809  -1.808  1.00 22.43 ? 96  GLY A O   1 
ATOM   283 N N   . ASN A 1 40 ? -14.143 17.001  -0.551  1.00 20.32 ? 97  ASN A N   1 
ATOM   284 C CA  . ASN A 1 40 ? -12.731 17.306  -0.426  1.00 19.09 ? 97  ASN A CA  1 
ATOM   285 C C   . ASN A 1 40 ? -11.974 16.460  -1.451  1.00 17.98 ? 97  ASN A C   1 
ATOM   286 O O   . ASN A 1 40 ? -11.813 15.244  -1.284  1.00 17.03 ? 97  ASN A O   1 
ATOM   287 C CB  . ASN A 1 40 ? -12.251 17.019  0.998   1.00 19.04 ? 97  ASN A CB  1 
ATOM   288 C CG  . ASN A 1 40 ? -10.835 17.503  1.246   1.00 18.97 ? 97  ASN A CG  1 
ATOM   289 O OD1 . ASN A 1 40 ? -9.999  17.532  0.332   1.00 16.09 ? 97  ASN A OD1 1 
ATOM   290 N ND2 . ASN A 1 40 ? -10.545 17.868  2.496   1.00 18.48 ? 97  ASN A ND2 1 
ATOM   291 N N   . SER A 1 41 ? -11.518 17.098  -2.525  1.00 16.37 ? 98  SER A N   1 
ATOM   292 C CA  . SER A 1 41 ? -10.918 16.377  -3.635  1.00 15.71 ? 98  SER A CA  1 
ATOM   293 C C   . SER A 1 41 ? -9.707  15.557  -3.208  1.00 14.43 ? 98  SER A C   1 
ATOM   294 O O   . SER A 1 41 ? -9.417  14.524  -3.829  1.00 13.42 ? 98  SER A O   1 
ATOM   295 C CB  . SER A 1 41 ? -10.508 17.355  -4.737  1.00 15.73 ? 98  SER A CB  1 
ATOM   296 O OG  . SER A 1 41 ? -9.599  18.301  -4.231  1.00 19.58 ? 98  SER A OG  1 
ATOM   297 N N   . LYS A 1 42 ? -8.998  16.008  -2.168  1.00 13.42 ? 99  LYS A N   1 
ATOM   298 C CA  . LYS A 1 42 ? -7.760  15.343  -1.724  1.00 14.05 ? 99  LYS A CA  1 
ATOM   299 C C   . LYS A 1 42 ? -8.076  13.921  -1.250  1.00 12.98 ? 99  LYS A C   1 
ATOM   300 O O   . LYS A 1 42 ? -7.254  13.015  -1.370  1.00 13.72 ? 99  LYS A O   1 
ATOM   301 C CB  . LYS A 1 42 ? -7.095  16.150  -0.609  1.00 14.39 ? 99  LYS A CB  1 
ATOM   302 C CG  . LYS A 1 42 ? -5.811  15.590  -0.026  1.00 15.40 ? 99  LYS A CG  1 
ATOM   303 C CD  A LYS A 1 42 ? -5.096  16.572  0.895   0.50 15.76 ? 99  LYS A CD  1 
ATOM   304 C CD  B LYS A 1 42 ? -5.382  16.445  1.167   0.50 15.54 ? 99  LYS A CD  1 
ATOM   305 C CE  A LYS A 1 42 ? -3.912  15.898  1.574   0.50 17.99 ? 99  LYS A CE  1 
ATOM   306 C CE  B LYS A 1 42 ? -4.019  16.039  1.704   0.50 16.68 ? 99  LYS A CE  1 
ATOM   307 N NZ  A LYS A 1 42 ? -3.258  16.764  2.592   0.50 19.19 ? 99  LYS A NZ  1 
ATOM   308 N NZ  B LYS A 1 42 ? -2.900  16.658  0.937   0.50 16.22 ? 99  LYS A NZ  1 
ATOM   309 N N   . PHE A 1 43 ? -9.286  13.731  -0.735  1.00 11.73 ? 100 PHE A N   1 
ATOM   310 C CA  . PHE A 1 43 ? -9.667  12.451  -0.140  1.00 11.63 ? 100 PHE A CA  1 
ATOM   311 C C   . PHE A 1 43 ? -10.740 11.682  -0.922  1.00 12.01 ? 100 PHE A C   1 
ATOM   312 O O   . PHE A 1 43 ? -11.288 10.682  -0.438  1.00 11.74 ? 100 PHE A O   1 
ATOM   313 C CB  . PHE A 1 43 ? -10.048 12.663  1.319   1.00 11.72 ? 100 PHE A CB  1 
ATOM   314 C CG  . PHE A 1 43 ? -8.932  13.251  2.150   1.00 10.77 ? 100 PHE A CG  1 
ATOM   315 C CD1 . PHE A 1 43 ? -7.713  12.581  2.294   1.00 11.14 ? 100 PHE A CD1 1 
ATOM   316 C CD2 . PHE A 1 43 ? -9.098  14.480  2.796   1.00 12.36 ? 100 PHE A CD2 1 
ATOM   317 C CE1 . PHE A 1 43 ? -6.701  13.130  3.060   1.00 11.61 ? 100 PHE A CE1 1 
ATOM   318 C CE2 . PHE A 1 43 ? -8.101  15.029  3.553   1.00 13.60 ? 100 PHE A CE2 1 
ATOM   319 C CZ  . PHE A 1 43 ? -6.892  14.352  3.695   1.00 12.32 ? 100 PHE A CZ  1 
ATOM   320 N N   . GLU A 1 44 ? -11.011 12.141  -2.143  1.00 13.12 ? 101 GLU A N   1 
ATOM   321 C CA  . GLU A 1 44 ? -11.840 11.392  -3.064  1.00 14.17 ? 101 GLU A CA  1 
ATOM   322 C C   . GLU A 1 44 ? -11.138 10.057  -3.354  1.00 14.53 ? 101 GLU A C   1 
ATOM   323 O O   . GLU A 1 44 ? -9.914  10.020  -3.579  1.00 14.70 ? 101 GLU A O   1 
ATOM   324 C CB  . GLU A 1 44 ? -12.062 12.218  -4.336  1.00 15.21 ? 101 GLU A CB  1 
ATOM   325 C CG  . GLU A 1 44 ? -13.009 11.598  -5.340  1.00 19.65 ? 101 GLU A CG  1 
ATOM   326 C CD  . GLU A 1 44 ? -13.041 12.372  -6.631  1.00 25.44 ? 101 GLU A CD  1 
ATOM   327 O OE1 . GLU A 1 44 ? -13.213 13.610  -6.574  1.00 27.27 ? 101 GLU A OE1 1 
ATOM   328 O OE2 . GLU A 1 44 ? -12.884 11.748  -7.709  1.00 29.09 ? 101 GLU A OE2 1 
ATOM   329 N N   . TYR A 1 45 ? -11.888 8.966   -3.355  1.00 14.17 ? 102 TYR A N   1 
ATOM   330 C CA  . TYR A 1 45 ? -11.266 7.654   -3.355  1.00 13.62 ? 102 TYR A CA  1 
ATOM   331 C C   . TYR A 1 45 ? -10.407 7.417   -4.598  1.00 13.28 ? 102 TYR A C   1 
ATOM   332 O O   . TYR A 1 45 ? -9.257  6.993   -4.468  1.00 14.05 ? 102 TYR A O   1 
ATOM   333 C CB  . TYR A 1 45 ? -12.322 6.568   -3.165  1.00 13.61 ? 102 TYR A CB  1 
ATOM   334 C CG  . TYR A 1 45 ? -11.730 5.184   -3.051  1.00 13.79 ? 102 TYR A CG  1 
ATOM   335 C CD1 . TYR A 1 45 ? -11.064 4.790   -1.902  1.00 14.56 ? 102 TYR A CD1 1 
ATOM   336 C CD2 . TYR A 1 45 ? -11.848 4.272   -4.103  1.00 13.51 ? 102 TYR A CD2 1 
ATOM   337 C CE1 . TYR A 1 45 ? -10.511 3.504   -1.809  1.00 14.50 ? 102 TYR A CE1 1 
ATOM   338 C CE2 . TYR A 1 45 ? -11.308 2.985   -4.028  1.00 13.77 ? 102 TYR A CE2 1 
ATOM   339 C CZ  . TYR A 1 45 ? -10.648 2.613   -2.875  1.00 13.66 ? 102 TYR A CZ  1 
ATOM   340 O OH  . TYR A 1 45 ? -10.118 1.352   -2.833  1.00 14.70 ? 102 TYR A OH  1 
ATOM   341 N N   . ALA A 1 46 ? -10.918 7.726   -5.785  1.00 13.14 ? 103 ALA A N   1 
ATOM   342 C CA  . ALA A 1 46 ? -10.134 7.507   -7.004  1.00 12.99 ? 103 ALA A CA  1 
ATOM   343 C C   . ALA A 1 46 ? -8.843  8.336   -6.987  1.00 13.51 ? 103 ALA A C   1 
ATOM   344 O O   . ALA A 1 46 ? -7.798  7.868   -7.440  1.00 13.50 ? 103 ALA A O   1 
ATOM   345 C CB  . ALA A 1 46 ? -10.958 7.809   -8.253  1.00 13.55 ? 103 ALA A CB  1 
ATOM   346 N N   . ASN A 1 47 ? -8.919  9.561   -6.471  1.00 12.20 ? 104 ASN A N   1 
ATOM   347 C CA  . ASN A 1 47 ? -7.738  10.422  -6.373  1.00 12.25 ? 104 ASN A CA  1 
ATOM   348 C C   . ASN A 1 47 ? -6.713  9.815   -5.424  1.00 12.60 ? 104 ASN A C   1 
ATOM   349 O O   . ASN A 1 47 ? -5.515  9.770   -5.741  1.00 13.11 ? 104 ASN A O   1 
ATOM   350 C CB  . ASN A 1 47 ? -8.107  11.840  -5.921  1.00 11.22 ? 104 ASN A CB  1 
ATOM   351 C CG  . ASN A 1 47 ? -8.806  12.641  -7.000  1.00 11.50 ? 104 ASN A CG  1 
ATOM   352 O OD1 . ASN A 1 47 ? -8.784  12.289  -8.184  1.00 13.32 ? 104 ASN A OD1 1 
ATOM   353 N ND2 . ASN A 1 47 ? -9.396  13.753  -6.599  1.00 10.97 ? 104 ASN A ND2 1 
ATOM   354 N N   . MET A 1 48 ? -7.174  9.335   -4.277  1.00 12.71 ? 105 MET A N   1 
ATOM   355 C CA  . MET A 1 48 ? -6.260  8.670   -3.342  1.00 12.85 ? 105 MET A CA  1 
ATOM   356 C C   . MET A 1 48 ? -5.589  7.435   -3.948  1.00 13.58 ? 105 MET A C   1 
ATOM   357 O O   . MET A 1 48 ? -4.368  7.242   -3.801  1.00 14.17 ? 105 MET A O   1 
ATOM   358 C CB  . MET A 1 48 ? -6.973  8.312   -2.038  1.00 14.03 ? 105 MET A CB  1 
ATOM   359 C CG  . MET A 1 48 ? -7.416  9.557   -1.261  1.00 13.71 ? 105 MET A CG  1 
ATOM   360 S SD  . MET A 1 48 ? -7.876  9.178   0.439   1.00 13.44 ? 105 MET A SD  1 
ATOM   361 C CE  . MET A 1 48 ? -9.299  8.125   0.203   1.00 15.90 ? 105 MET A CE  1 
ATOM   362 N N   . VAL A 1 49 ? -6.375  6.585   -4.588  1.00 13.66 ? 106 VAL A N   1 
ATOM   363 C CA  . VAL A 1 49 ? -5.851  5.359   -5.217  1.00 14.27 ? 106 VAL A CA  1 
ATOM   364 C C   . VAL A 1 49 ? -4.787  5.669   -6.276  1.00 14.12 ? 106 VAL A C   1 
ATOM   365 O O   . VAL A 1 49 ? -3.761  4.986   -6.340  1.00 15.03 ? 106 VAL A O   1 
ATOM   366 C CB  . VAL A 1 49 ? -7.008  4.537   -5.836  1.00 14.74 ? 106 VAL A CB  1 
ATOM   367 C CG1 . VAL A 1 49 ? -6.504  3.469   -6.814  1.00 15.80 ? 106 VAL A CG1 1 
ATOM   368 C CG2 . VAL A 1 49 ? -7.835  3.909   -4.725  1.00 17.22 ? 106 VAL A CG2 1 
ATOM   369 N N   . GLU A 1 50 ? -5.017  6.694   -7.082  1.00 14.14 ? 107 GLU A N   1 
ATOM   370 C CA  . GLU A 1 50 ? -4.038  7.076   -8.092  1.00 14.50 ? 107 GLU A CA  1 
ATOM   371 C C   . GLU A 1 50 ? -2.751  7.559   -7.456  1.00 14.47 ? 107 GLU A C   1 
ATOM   372 O O   . GLU A 1 50 ? -1.661  7.208   -7.910  1.00 15.06 ? 107 GLU A O   1 
ATOM   373 C CB  . GLU A 1 50 ? -4.617  8.149   -9.020  1.00 14.20 ? 107 GLU A CB  1 
ATOM   374 C CG  . GLU A 1 50 ? -3.614  8.718   -10.048 1.00 17.56 ? 107 GLU A CG  1 
ATOM   375 C CD  . GLU A 1 50 ? -2.899  7.661   -10.914 1.00 23.39 ? 107 GLU A CD  1 
ATOM   376 O OE1 . GLU A 1 50 ? -3.333  6.486   -10.976 1.00 23.81 ? 107 GLU A OE1 1 
ATOM   377 O OE2 . GLU A 1 50 ? -1.891  8.027   -11.570 1.00 25.95 ? 107 GLU A OE2 1 
ATOM   378 N N   . ASP A 1 51 ? -2.860  8.360   -6.406  1.00 13.89 ? 108 ASP A N   1 
ATOM   379 C CA  . ASP A 1 51 ? -1.680  8.884   -5.723  1.00 15.51 ? 108 ASP A CA  1 
ATOM   380 C C   . ASP A 1 51 ? -0.876  7.739   -5.109  1.00 15.04 ? 108 ASP A C   1 
ATOM   381 O O   . ASP A 1 51 ? 0.361   7.678   -5.248  1.00 15.07 ? 108 ASP A O   1 
ATOM   382 C CB  . ASP A 1 51 ? -2.094  9.909   -4.665  1.00 15.98 ? 108 ASP A CB  1 
ATOM   383 C CG  . ASP A 1 51 ? -0.939  10.767  -4.194  1.00 21.29 ? 108 ASP A CG  1 
ATOM   384 O OD1 . ASP A 1 51 ? -0.046  11.096  -5.018  1.00 26.53 ? 108 ASP A OD1 1 
ATOM   385 O OD2 . ASP A 1 51 ? -0.931  11.158  -3.005  1.00 26.65 ? 108 ASP A OD2 1 
ATOM   386 N N   . ILE A 1 52 ? -1.576  6.820   -4.463  1.00 14.55 ? 109 ILE A N   1 
ATOM   387 C CA  . ILE A 1 52 ? -0.927  5.643   -3.874  1.00 14.18 ? 109 ILE A CA  1 
ATOM   388 C C   . ILE A 1 52 ? -0.267  4.795   -4.959  1.00 14.46 ? 109 ILE A C   1 
ATOM   389 O O   . ILE A 1 52 ? 0.882   4.364   -4.800  1.00 14.87 ? 109 ILE A O   1 
ATOM   390 C CB  . ILE A 1 52 ? -1.952  4.816   -3.062  1.00 13.51 ? 109 ILE A CB  1 
ATOM   391 C CG1 . ILE A 1 52 ? -2.418  5.614   -1.828  1.00 15.49 ? 109 ILE A CG1 1 
ATOM   392 C CG2 . ILE A 1 52 ? -1.370  3.449   -2.649  1.00 14.78 ? 109 ILE A CG2 1 
ATOM   393 C CD1 . ILE A 1 52 ? -3.727  5.123   -1.257  1.00 14.61 ? 109 ILE A CD1 1 
ATOM   394 N N   . ARG A 1 53 ? -0.972  4.571   -6.061  1.00 14.49 ? 110 ARG A N   1 
ATOM   395 C CA  . ARG A 1 53 ? -0.431  3.770   -7.151  1.00 14.55 ? 110 ARG A CA  1 
ATOM   396 C C   . ARG A 1 53 ? 0.880   4.368   -7.661  1.00 14.90 ? 110 ARG A C   1 
ATOM   397 O O   . ARG A 1 53 ? 1.828   3.626   -7.901  1.00 14.54 ? 110 ARG A O   1 
ATOM   398 C CB  . ARG A 1 53 ? -1.436  3.669   -8.295  1.00 14.88 ? 110 ARG A CB  1 
ATOM   399 C CG  . ARG A 1 53 ? -0.977  2.766   -9.455  1.00 16.43 ? 110 ARG A CG  1 
ATOM   400 C CD  . ARG A 1 53 ? -1.594  3.184   -10.776 1.00 19.36 ? 110 ARG A CD  1 
ATOM   401 N NE  . ARG A 1 53 ? -1.110  4.505   -11.190 1.00 22.55 ? 110 ARG A NE  1 
ATOM   402 C CZ  . ARG A 1 53 ? 0.124   4.757   -11.634 1.00 24.89 ? 110 ARG A CZ  1 
ATOM   403 N NH1 . ARG A 1 53 ? 1.030   3.786   -11.725 1.00 25.73 ? 110 ARG A NH1 1 
ATOM   404 N NH2 . ARG A 1 53 ? 0.460   5.994   -11.978 1.00 24.91 ? 110 ARG A NH2 1 
ATOM   405 N N   . GLU A 1 54 ? 0.929   5.689   -7.832  1.00 14.53 ? 111 GLU A N   1 
ATOM   406 C CA  . GLU A 1 54 ? 2.125   6.364   -8.363  1.00 15.96 ? 111 GLU A CA  1 
ATOM   407 C C   . GLU A 1 54 ? 3.299   6.183   -7.403  1.00 15.12 ? 111 GLU A C   1 
ATOM   408 O O   . GLU A 1 54 ? 4.427   5.902   -7.820  1.00 15.16 ? 111 GLU A O   1 
ATOM   409 C CB  . GLU A 1 54 ? 1.864   7.863   -8.589  1.00 16.19 ? 111 GLU A CB  1 
ATOM   410 C CG  . GLU A 1 54 ? 0.823   8.186   -9.646  1.00 19.90 ? 111 GLU A CG  1 
ATOM   411 C CD  . GLU A 1 54 ? 0.623   9.686   -9.849  1.00 20.49 ? 111 GLU A CD  1 
ATOM   412 O OE1 . GLU A 1 54 ? 1.400   10.297  -10.614 1.00 26.07 ? 111 GLU A OE1 1 
ATOM   413 O OE2 . GLU A 1 54 ? -0.327  10.253  -9.256  1.00 27.11 ? 111 GLU A OE2 1 
ATOM   414 N N   . LYS A 1 55 ? 3.022   6.325   -6.115  1.00 14.65 ? 112 LYS A N   1 
ATOM   415 C CA  . LYS A 1 55 ? 4.049   6.176   -5.083  1.00 15.11 ? 112 LYS A CA  1 
ATOM   416 C C   . LYS A 1 55 ? 4.629   4.754   -5.069  1.00 14.96 ? 112 LYS A C   1 
ATOM   417 O O   . LYS A 1 55 ? 5.853   4.554   -5.065  1.00 14.81 ? 112 LYS A O   1 
ATOM   418 C CB  . LYS A 1 55 ? 3.474   6.519   -3.707  1.00 16.02 ? 112 LYS A CB  1 
ATOM   419 C CG  . LYS A 1 55 ? 4.482   6.387   -2.569  1.00 19.02 ? 112 LYS A CG  1 
ATOM   420 C CD  . LYS A 1 55 ? 5.629   7.389   -2.710  1.00 23.53 ? 112 LYS A CD  1 
ATOM   421 C CE  . LYS A 1 55 ? 6.262   7.712   -1.358  1.00 26.56 ? 112 LYS A CE  1 
ATOM   422 N NZ  . LYS A 1 55 ? 6.969   9.023   -1.404  1.00 28.78 ? 112 LYS A NZ  1 
ATOM   423 N N   . VAL A 1 56 ? 3.756   3.756   -5.053  1.00 14.03 ? 113 VAL A N   1 
ATOM   424 C CA  . VAL A 1 56 ? 4.193   2.363   -5.029  1.00 13.98 ? 113 VAL A CA  1 
ATOM   425 C C   . VAL A 1 56 ? 4.991   2.054   -6.309  1.00 14.30 ? 113 VAL A C   1 
ATOM   426 O O   . VAL A 1 56 ? 6.065   1.457   -6.252  1.00 14.44 ? 113 VAL A O   1 
ATOM   427 C CB  . VAL A 1 56 ? 3.005   1.393   -4.891  1.00 14.24 ? 113 VAL A CB  1 
ATOM   428 C CG1 . VAL A 1 56 ? 3.483   -0.044  -5.033  1.00 15.02 ? 113 VAL A CG1 1 
ATOM   429 C CG2 . VAL A 1 56 ? 2.276   1.625   -3.557  1.00 14.94 ? 113 VAL A CG2 1 
ATOM   430 N N   . SER A 1 57 ? 4.473   2.462   -7.462  1.00 13.08 ? 114 SER A N   1 
ATOM   431 C CA  . SER A 1 57 ? 5.144   2.194   -8.728  1.00 14.20 ? 114 SER A CA  1 
ATOM   432 C C   . SER A 1 57 ? 6.535   2.822   -8.754  1.00 14.10 ? 114 SER A C   1 
ATOM   433 O O   . SER A 1 57 ? 7.485   2.196   -9.241  1.00 14.16 ? 114 SER A O   1 
ATOM   434 C CB  . SER A 1 57 ? 4.293   2.631   -9.925  1.00 13.85 ? 114 SER A CB  1 
ATOM   435 O OG  A SER A 1 57 ? 3.033   1.970   -9.928  0.50 16.32 ? 114 SER A OG  1 
ATOM   436 O OG  B SER A 1 57 ? 3.798   3.938   -9.790  0.50 16.53 ? 114 SER A OG  1 
ATOM   437 N N   . SER A 1 58 ? 6.687   4.030   -8.211  1.00 13.88 ? 115 SER A N   1 
ATOM   438 C CA  . SER A 1 58 ? 7.997   4.691   -8.314  1.00 14.66 ? 115 SER A CA  1 
ATOM   439 C C   . SER A 1 58 ? 9.024   4.008   -7.407  1.00 14.13 ? 115 SER A C   1 
ATOM   440 O O   . SER A 1 58 ? 10.163  3.784   -7.819  1.00 14.14 ? 115 SER A O   1 
ATOM   441 C CB  . SER A 1 58 ? 7.909   6.193   -8.051  1.00 16.16 ? 115 SER A CB  1 
ATOM   442 O OG  . SER A 1 58 ? 7.545   6.432   -6.715  1.00 18.69 ? 115 SER A OG  1 
ATOM   443 N N   . GLU A 1 59 ? 8.617   3.605   -6.204  1.00 13.07 ? 116 GLU A N   1 
ATOM   444 C CA  . GLU A 1 59 ? 9.534   2.897   -5.330  1.00 13.62 ? 116 GLU A CA  1 
ATOM   445 C C   . GLU A 1 59 ? 9.891   1.519   -5.886  1.00 13.32 ? 116 GLU A C   1 
ATOM   446 O O   . GLU A 1 59 ? 11.069  1.096   -5.834  1.00 13.30 ? 116 GLU A O   1 
ATOM   447 C CB  . GLU A 1 59 ? 8.981   2.778   -3.908  1.00 13.97 ? 116 GLU A CB  1 
ATOM   448 C CG  . GLU A 1 59 ? 8.785   4.122   -3.202  1.00 14.51 ? 116 GLU A CG  1 
ATOM   449 C CD  . GLU A 1 59 ? 10.058  4.981   -3.088  1.00 15.23 ? 116 GLU A CD  1 
ATOM   450 O OE1 . GLU A 1 59 ? 11.194  4.439   -3.153  1.00 15.59 ? 116 GLU A OE1 1 
ATOM   451 O OE2 . GLU A 1 59 ? 9.908   6.217   -2.930  1.00 19.32 ? 116 GLU A OE2 1 
ATOM   452 N N   . MET A 1 60 ? 8.910   0.827   -6.458  1.00 13.37 ? 117 MET A N   1 
ATOM   453 C CA  . MET A 1 60 ? 9.180   -0.476  -7.066  1.00 14.28 ? 117 MET A CA  1 
ATOM   454 C C   . MET A 1 60 ? 10.149  -0.379  -8.243  1.00 14.04 ? 117 MET A C   1 
ATOM   455 O O   . MET A 1 60 ? 11.014  -1.253  -8.429  1.00 14.79 ? 117 MET A O   1 
ATOM   456 C CB  . MET A 1 60 ? 7.866   -1.155  -7.471  1.00 14.65 ? 117 MET A CB  1 
ATOM   457 C CG  . MET A 1 60 ? 6.942   -1.477  -6.269  1.00 16.72 ? 117 MET A CG  1 
ATOM   458 S SD  . MET A 1 60 ? 7.605   -2.665  -5.069  1.00 21.09 ? 117 MET A SD  1 
ATOM   459 C CE  . MET A 1 60 ? 8.237   -3.883  -6.251  1.00 20.27 ? 117 MET A CE  1 
ATOM   460 N N   . GLU A 1 61 ? 10.035  0.704   -9.005  1.00 13.10 ? 118 GLU A N   1 
ATOM   461 C CA  . GLU A 1 61 ? 10.906  0.911   -10.148 1.00 12.99 ? 118 GLU A CA  1 
ATOM   462 C C   . GLU A 1 61 ? 12.326  1.255   -9.696  1.00 13.32 ? 118 GLU A C   1 
ATOM   463 O O   . GLU A 1 61 ? 13.300  0.973   -10.419 1.00 14.00 ? 118 GLU A O   1 
ATOM   464 C CB  . GLU A 1 61 ? 10.330  1.978   -11.076 1.00 13.27 ? 118 GLU A CB  1 
ATOM   465 C CG  . GLU A 1 61 ? 11.217  2.352   -12.243 1.00 15.66 ? 118 GLU A CG  1 
ATOM   466 C CD  . GLU A 1 61 ? 11.506  1.207   -13.219 1.00 18.52 ? 118 GLU A CD  1 
ATOM   467 O OE1 . GLU A 1 61 ? 10.715  0.230   -13.313 1.00 18.82 ? 118 GLU A OE1 1 
ATOM   468 O OE2 . GLU A 1 61 ? 12.543  1.306   -13.903 1.00 20.22 ? 118 GLU A OE2 1 
ATOM   469 N N   . ARG A 1 62 ? 12.452  1.856   -8.514  1.00 12.23 ? 119 ARG A N   1 
ATOM   470 C CA  . ARG A 1 62 ? 13.787  2.160   -7.990  1.00 12.43 ? 119 ARG A CA  1 
ATOM   471 C C   . ARG A 1 62 ? 14.525  0.877   -7.649  1.00 12.03 ? 119 ARG A C   1 
ATOM   472 O O   . ARG A 1 62 ? 15.701  0.746   -7.999  1.00 12.67 ? 119 ARG A O   1 
ATOM   473 C CB  . ARG A 1 62 ? 13.730  3.073   -6.753  1.00 12.16 ? 119 ARG A CB  1 
ATOM   474 C CG  . ARG A 1 62 ? 15.131  3.437   -6.277  1.00 12.31 ? 119 ARG A CG  1 
ATOM   475 C CD  . ARG A 1 62 ? 15.157  4.437   -5.127  1.00 12.63 ? 119 ARG A CD  1 
ATOM   476 N NE  . ARG A 1 62 ? 16.545  4.620   -4.700  1.00 15.10 ? 119 ARG A NE  1 
ATOM   477 C CZ  . ARG A 1 62 ? 16.961  4.805   -3.449  1.00 15.64 ? 119 ARG A CZ  1 
ATOM   478 N NH1 . ARG A 1 62 ? 16.111  4.836   -2.440  1.00 15.11 ? 119 ARG A NH1 1 
ATOM   479 N NH2 . ARG A 1 62 ? 18.261  4.944   -3.217  1.00 14.42 ? 119 ARG A NH2 1 
ATOM   480 N N   . PHE A 1 63 ? 13.849  -0.066  -6.992  1.00 11.16 ? 120 PHE A N   1 
ATOM   481 C CA  . PHE A 1 63 ? 14.503  -1.261  -6.487  1.00 12.28 ? 120 PHE A CA  1 
ATOM   482 C C   . PHE A 1 63 ? 14.422  -2.463  -7.411  1.00 12.65 ? 120 PHE A C   1 
ATOM   483 O O   . PHE A 1 63 ? 15.326  -3.295  -7.394  1.00 13.67 ? 120 PHE A O   1 
ATOM   484 C CB  . PHE A 1 63 ? 13.991  -1.578  -5.083  1.00 12.03 ? 120 PHE A CB  1 
ATOM   485 C CG  . PHE A 1 63 ? 14.480  -0.602  -4.068  1.00 12.21 ? 120 PHE A CG  1 
ATOM   486 C CD1 . PHE A 1 63 ? 15.764  -0.732  -3.547  1.00 13.58 ? 120 PHE A CD1 1 
ATOM   487 C CD2 . PHE A 1 63 ? 13.702  0.475   -3.688  1.00 11.49 ? 120 PHE A CD2 1 
ATOM   488 C CE1 . PHE A 1 63 ? 16.257  0.196   -2.624  1.00 13.76 ? 120 PHE A CE1 1 
ATOM   489 C CE2 . PHE A 1 63 ? 14.179  1.404   -2.756  1.00 11.48 ? 120 PHE A CE2 1 
ATOM   490 C CZ  . PHE A 1 63 ? 15.452  1.260   -2.217  1.00 10.73 ? 120 PHE A CZ  1 
ATOM   491 N N   . PHE A 1 64 ? 13.350  -2.542  -8.204  1.00 12.45 ? 121 PHE A N   1 
ATOM   492 C CA  . PHE A 1 64 ? 13.102  -3.679  -9.089  1.00 12.49 ? 121 PHE A CA  1 
ATOM   493 C C   . PHE A 1 64 ? 12.726  -3.175  -10.482 1.00 12.59 ? 121 PHE A C   1 
ATOM   494 O O   . PHE A 1 64 ? 11.589  -3.375  -10.921 1.00 12.66 ? 121 PHE A O   1 
ATOM   495 C CB  . PHE A 1 64 ? 11.997  -4.549  -8.512  1.00 12.61 ? 121 PHE A CB  1 
ATOM   496 C CG  . PHE A 1 64 ? 12.245  -4.968  -7.089  1.00 11.54 ? 121 PHE A CG  1 
ATOM   497 C CD1 . PHE A 1 64 ? 13.145  -5.997  -6.803  1.00 13.26 ? 121 PHE A CD1 1 
ATOM   498 C CD2 . PHE A 1 64 ? 11.611  -4.314  -6.040  1.00 10.86 ? 121 PHE A CD2 1 
ATOM   499 C CE1 . PHE A 1 64 ? 13.378  -6.381  -5.474  1.00 12.55 ? 121 PHE A CE1 1 
ATOM   500 C CE2 . PHE A 1 64 ? 11.845  -4.686  -4.719  1.00 13.58 ? 121 PHE A CE2 1 
ATOM   501 C CZ  . PHE A 1 64 ? 12.739  -5.703  -4.445  1.00 12.51 ? 121 PHE A CZ  1 
ATOM   502 N N   . PRO A 1 65 ? 13.677  -2.504  -11.164 1.00 13.28 ? 122 PRO A N   1 
ATOM   503 C CA  . PRO A 1 65 ? 13.351  -1.889  -12.443 1.00 14.23 ? 122 PRO A CA  1 
ATOM   504 C C   . PRO A 1 65 ? 12.973  -2.922  -13.490 1.00 14.75 ? 122 PRO A C   1 
ATOM   505 O O   . PRO A 1 65 ? 13.540  -4.016  -13.528 1.00 14.51 ? 122 PRO A O   1 
ATOM   506 C CB  . PRO A 1 65 ? 14.650  -1.182  -12.844 1.00 14.63 ? 122 PRO A CB  1 
ATOM   507 C CG  . PRO A 1 65 ? 15.720  -1.873  -12.089 1.00 14.29 ? 122 PRO A CG  1 
ATOM   508 C CD  . PRO A 1 65 ? 15.084  -2.284  -10.792 1.00 13.94 ? 122 PRO A CD  1 
ATOM   509 N N   . LYS A 1 66 ? 11.996  -2.559  -14.311 1.00 16.09 ? 123 LYS A N   1 
ATOM   510 C CA  . LYS A 1 66 ? 11.588  -3.370  -15.450 1.00 17.44 ? 123 LYS A CA  1 
ATOM   511 C C   . LYS A 1 66 ? 12.771  -3.682  -16.367 1.00 17.59 ? 123 LYS A C   1 
ATOM   512 O O   . LYS A 1 66 ? 12.855  -4.780  -16.917 1.00 17.84 ? 123 LYS A O   1 
ATOM   513 C CB  . LYS A 1 66 ? 10.468  -2.657  -16.224 1.00 17.80 ? 123 LYS A CB  1 
ATOM   514 C CG  . LYS A 1 66 ? 9.246   -2.307  -15.390 1.00 20.98 ? 123 LYS A CG  1 
ATOM   515 C CD  . LYS A 1 66 ? 8.509   -3.555  -14.923 1.00 24.84 ? 123 LYS A CD  1 
ATOM   516 C CE  . LYS A 1 66 ? 7.418   -3.196  -13.937 1.00 25.12 ? 123 LYS A CE  1 
ATOM   517 N NZ  . LYS A 1 66 ? 7.075   -4.345  -13.058 1.00 27.10 ? 123 LYS A NZ  1 
ATOM   518 N N   . ASN A 1 67 ? 13.686  -2.721  -16.507 1.00 17.82 ? 124 ASN A N   1 
ATOM   519 C CA  . ASN A 1 67 ? 14.923  -2.907  -17.280 1.00 18.71 ? 124 ASN A CA  1 
ATOM   520 C C   . ASN A 1 67 ? 16.081  -3.373  -16.390 1.00 19.64 ? 124 ASN A C   1 
ATOM   521 O O   . ASN A 1 67 ? 16.595  -2.607  -15.584 1.00 19.99 ? 124 ASN A O   1 
ATOM   522 C CB  . ASN A 1 67 ? 15.279  -1.609  -18.028 1.00 18.73 ? 124 ASN A CB  1 
ATOM   523 C CG  . ASN A 1 67 ? 16.617  -1.679  -18.788 1.00 18.53 ? 124 ASN A CG  1 
ATOM   524 O OD1 . ASN A 1 67 ? 17.220  -2.746  -18.977 1.00 19.41 ? 124 ASN A OD1 1 
ATOM   525 N ND2 . ASN A 1 67 ? 17.077  -0.517  -19.244 1.00 17.38 ? 124 ASN A ND2 1 
ATOM   526 N N   . ASP A 1 68 ? 16.495  -4.627  -16.569 1.00 21.20 ? 125 ASP A N   1 
ATOM   527 C CA  . ASP A 1 68 ? 17.575  -5.236  -15.778 1.00 22.80 ? 125 ASP A CA  1 
ATOM   528 C C   . ASP A 1 68 ? 18.995  -4.974  -16.316 1.00 23.26 ? 125 ASP A C   1 
ATOM   529 O O   . ASP A 1 68 ? 19.963  -5.626  -15.889 1.00 23.50 ? 125 ASP A O   1 
ATOM   530 C CB  . ASP A 1 68 ? 17.334  -6.750  -15.637 1.00 23.38 ? 125 ASP A CB  1 
ATOM   531 C CG  . ASP A 1 68 ? 17.303  -7.473  -16.982 1.00 25.47 ? 125 ASP A CG  1 
ATOM   532 O OD1 . ASP A 1 68 ? 16.568  -7.030  -17.899 1.00 28.29 ? 125 ASP A OD1 1 
ATOM   533 O OD2 . ASP A 1 68 ? 18.006  -8.499  -17.116 1.00 27.87 ? 125 ASP A OD2 1 
ATOM   534 N N   . ASP A 1 69 ? 19.120  -4.035  -17.254 1.00 23.31 ? 126 ASP A N   1 
ATOM   535 C CA  . ASP A 1 69 ? 20.428  -3.669  -17.808 1.00 23.61 ? 126 ASP A CA  1 
ATOM   536 C C   . ASP A 1 69 ? 20.501  -2.186  -18.186 1.00 23.53 ? 126 ASP A C   1 
ATOM   537 O O   . ASP A 1 69 ? 20.842  -1.837  -19.320 1.00 23.69 ? 126 ASP A O   1 
ATOM   538 C CB  . ASP A 1 69 ? 20.791  -4.567  -19.007 1.00 23.66 ? 126 ASP A CB  1 
ATOM   539 C CG  . ASP A 1 69 ? 22.288  -4.542  -19.339 1.00 24.28 ? 126 ASP A CG  1 
ATOM   540 O OD1 . ASP A 1 69 ? 23.100  -4.126  -18.480 1.00 24.94 ? 126 ASP A OD1 1 
ATOM   541 O OD2 . ASP A 1 69 ? 22.651  -4.952  -20.463 1.00 24.06 ? 126 ASP A OD2 1 
ATOM   542 N N   . GLU A 1 70 ? 20.191  -1.322  -17.219 1.00 23.99 ? 127 GLU A N   1 
ATOM   543 C CA  . GLU A 1 70 ? 20.271  0.131   -17.411 1.00 24.62 ? 127 GLU A CA  1 
ATOM   544 C C   . GLU A 1 70 ? 21.740  0.561   -17.427 1.00 24.82 ? 127 GLU A C   1 
ATOM   545 O O   . GLU A 1 70 ? 22.226  1.178   -18.382 1.00 24.26 ? 127 GLU A O   1 
ATOM   546 C CB  . GLU A 1 70 ? 19.455  0.882   -16.338 1.00 24.71 ? 127 GLU A CB  1 
ATOM   547 C CG  . GLU A 1 70 ? 17.974  0.456   -16.316 1.00 25.39 ? 127 GLU A CG  1 
ATOM   548 C CD  . GLU A 1 70 ? 17.057  1.313   -15.437 1.00 25.69 ? 127 GLU A CD  1 
ATOM   549 O OE1 . GLU A 1 70 ? 17.319  1.463   -14.221 1.00 27.15 ? 127 GLU A OE1 1 
ATOM   550 O OE2 . GLU A 1 70 ? 16.029  1.802   -15.963 1.00 26.93 ? 127 GLU A OE2 1 
ATOM   551 O OXT . GLU A 1 70 ? 22.485  0.250   -16.493 1.00 25.41 ? 127 GLU A OXT 1 
HETATM 552 O O   . HOH B 2 .  ? 1.770   -3.633  5.111   1.00 8.45  ? 1   HOH A O   1 
HETATM 553 O O   . HOH B 2 .  ? -6.521  -6.871  10.516  1.00 12.98 ? 2   HOH A O   1 
HETATM 554 O O   . HOH B 2 .  ? -8.463  0.862   -0.842  1.00 13.65 ? 3   HOH A O   1 
HETATM 555 O O   . HOH B 2 .  ? 19.518  -0.297  -21.032 1.00 17.15 ? 4   HOH A O   1 
HETATM 556 O O   . HOH B 2 .  ? 6.407   -17.839 12.147  1.00 17.91 ? 5   HOH A O   1 
HETATM 557 O O   . HOH B 2 .  ? -3.401  2.227   -5.344  1.00 17.63 ? 6   HOH A O   1 
HETATM 558 O O   . HOH B 2 .  ? -4.560  11.837  -7.467  1.00 18.91 ? 7   HOH A O   1 
HETATM 559 O O   . HOH B 2 .  ? -14.607 9.264   -2.654  1.00 18.57 ? 8   HOH A O   1 
HETATM 560 O O   . HOH B 2 .  ? -7.797  19.101  0.594   1.00 15.72 ? 9   HOH A O   1 
HETATM 561 O O   . HOH B 2 .  ? 13.529  5.103   -2.019  1.00 18.18 ? 10  HOH A O   1 
HETATM 562 O O   . HOH B 2 .  ? -14.213 10.903  -0.297  1.00 20.54 ? 11  HOH A O   1 
HETATM 563 O O   . HOH B 2 .  ? 12.430  -17.960 4.250   1.00 22.33 ? 12  HOH A O   1 
HETATM 564 O O   . HOH B 2 .  ? -11.229 15.498  -8.035  1.00 25.89 ? 13  HOH A O   1 
HETATM 565 O O   . HOH B 2 .  ? 20.265  2.179   -20.230 1.00 13.87 ? 14  HOH A O   1 
HETATM 566 O O   . HOH B 2 .  ? 18.197  -11.322 9.365   1.00 22.10 ? 15  HOH A O   1 
HETATM 567 O O   . HOH B 2 .  ? 19.380  -14.949 9.241   1.00 26.13 ? 16  HOH A O   1 
HETATM 568 O O   . HOH B 2 .  ? -7.792  18.891  3.280   1.00 19.24 ? 17  HOH A O   1 
HETATM 569 O O   . HOH B 2 .  ? 9.487   7.729   -5.253  1.00 20.28 ? 18  HOH A O   1 
HETATM 570 O O   . HOH B 2 .  ? 2.950   -16.264 9.987   1.00 23.91 ? 19  HOH A O   1 
HETATM 571 O O   . HOH B 2 .  ? -15.840 6.974   -1.452  1.00 18.04 ? 20  HOH A O   1 
HETATM 572 O O   . HOH B 2 .  ? 2.939   -3.553  7.723   0.50 11.28 ? 21  HOH A O   1 
HETATM 573 O O   . HOH B 2 .  ? -12.616 9.808   10.217  1.00 24.34 ? 22  HOH A O   1 
HETATM 574 O O   . HOH B 2 .  ? -7.794  5.960   -9.431  1.00 23.14 ? 23  HOH A O   1 
HETATM 575 O O   . HOH B 2 .  ? -5.412  17.977  4.421   1.00 22.70 ? 24  HOH A O   1 
HETATM 576 O O   . HOH B 2 .  ? 13.051  -0.009  -16.040 1.00 25.05 ? 25  HOH A O   1 
HETATM 577 O O   . HOH B 2 .  ? -12.867 18.073  4.302   1.00 22.30 ? 26  HOH A O   1 
HETATM 578 O O   . HOH B 2 .  ? -8.166  -5.328  0.897   1.00 26.61 ? 27  HOH A O   1 
HETATM 579 O O   . HOH B 2 .  ? -11.823 -0.477  0.057   1.00 24.29 ? 28  HOH A O   1 
HETATM 580 O O   . HOH B 2 .  ? 15.474  -10.302 8.576   1.00 23.67 ? 29  HOH A O   1 
HETATM 581 O O   . HOH B 2 .  ? -16.970 11.377  1.835   1.00 25.28 ? 30  HOH A O   1 
HETATM 582 O O   . HOH B 2 .  ? 16.625  -5.450  -8.269  1.00 25.03 ? 31  HOH A O   1 
HETATM 583 O O   . HOH B 2 .  ? -13.896 7.923   -6.160  1.00 22.49 ? 32  HOH A O   1 
HETATM 584 O O   . HOH B 2 .  ? 7.027   -0.022  -10.982 1.00 25.27 ? 33  HOH A O   1 
HETATM 585 O O   . HOH B 2 .  ? -2.210  -7.398  1.048   1.00 24.11 ? 34  HOH A O   1 
HETATM 586 O O   . HOH B 2 .  ? 19.985  -12.782 12.381  1.00 24.40 ? 35  HOH A O   1 
HETATM 587 O O   . HOH B 2 .  ? -13.907 13.417  -1.044  1.00 25.36 ? 36  HOH A O   1 
HETATM 588 O O   . HOH B 2 .  ? -13.614 7.311   11.536  0.25 18.11 ? 37  HOH A O   1 
HETATM 589 O O   . HOH B 2 .  ? 15.720  -20.511 8.717   1.00 29.07 ? 38  HOH A O   1 
HETATM 590 O O   . HOH B 2 .  ? -14.651 21.530  -1.606  1.00 33.30 ? 39  HOH A O   1 
HETATM 591 O O   . HOH B 2 .  ? 1.512   0.691   -8.310  1.00 23.99 ? 40  HOH A O   1 
HETATM 592 O O   . HOH B 2 .  ? -4.982  11.944  -2.484  1.00 26.01 ? 41  HOH A O   1 
HETATM 593 O O   . HOH B 2 .  ? 8.950   -2.301  -10.847 1.00 37.72 ? 42  HOH A O   1 
HETATM 594 O O   . HOH B 2 .  ? 21.164  -15.069 13.446  1.00 32.52 ? 43  HOH A O   1 
HETATM 595 O O   . HOH B 2 .  ? -4.450  -6.583  -0.229  1.00 29.23 ? 44  HOH A O   1 
HETATM 596 O O   . HOH B 2 .  ? 18.206  5.094   -7.075  1.00 40.56 ? 45  HOH A O   1 
HETATM 597 O O   . HOH B 2 .  ? 18.947  -2.409  -14.295 1.00 35.60 ? 46  HOH A O   1 
HETATM 598 O O   . HOH B 2 .  ? 14.672  -5.831  -12.007 1.00 41.99 ? 47  HOH A O   1 
HETATM 599 O O   . HOH B 2 .  ? -1.661  11.872  -8.027  1.00 36.51 ? 48  HOH A O   1 
HETATM 600 O O   . HOH B 2 .  ? 3.835   -1.204  -8.632  1.00 36.88 ? 49  HOH A O   1 
HETATM 601 O O   . HOH B 2 .  ? 24.440  -3.318  -22.056 1.00 24.40 ? 50  HOH A O   1 
HETATM 602 O O   . HOH B 2 .  ? 1.950   9.902   -5.783  1.00 25.59 ? 51  HOH A O   1 
HETATM 603 O O   . HOH B 2 .  ? -15.572 3.213   -0.886  1.00 35.86 ? 52  HOH A O   1 
HETATM 604 O O   . HOH B 2 .  ? -17.908 17.433  3.679   1.00 36.72 ? 53  HOH A O   1 
HETATM 605 O O   . HOH B 2 .  ? -5.515  5.164   -10.596 1.00 33.85 ? 54  HOH A O   1 
HETATM 606 O O   . HOH B 2 .  ? -6.231  11.205  -9.676  1.00 30.46 ? 55  HOH A O   1 
# 
